data_7D0V
#
_entry.id   7D0V
#
_cell.length_a   53.327
_cell.length_b   68.127
_cell.length_c   140.214
_cell.angle_alpha   90.000
_cell.angle_beta   95.170
_cell.angle_gamma   90.000
#
_symmetry.space_group_name_H-M   'P 1 21 1'
#
loop_
_entity.id
_entity.type
_entity.pdbx_description
1 polymer "Snake venom 5'-nucleotidase"
2 branched alpha-L-fucopyranose-(1-6)-2-acetamido-2-deoxy-beta-D-glucopyranose
3 branched beta-D-mannopyranose-(1-4)-2-acetamido-2-deoxy-beta-D-glucopyranose-(1-4)-2-acetamido-2-deoxy-beta-D-glucopyranose
4 non-polymer 'ZINC ION'
5 non-polymer 'CALCIUM ION'
6 non-polymer 2-acetamido-2-deoxy-beta-D-glucopyranose
7 water water
#
_entity_poly.entity_id   1
_entity_poly.type   'polypeptide(L)'
_entity_poly.pdbx_seq_one_letter_code
;GSFKLTILHTNDVHARLEQTSRDSGKCSGEDCYGGVARRATKIRQIRASHRNVLLLDAGDQYQGTIWFNYFKGREVVHFM
NSLRYDAMALGNHEFDNGLNGLLDPLLKNVKFPILSANIRPKGPIASKISGYILPYKIINVGSEKVGIIGYTTKETPVLS
NPGPYLEFRDEVEELQKHADKLTTLGVNKIIALGHSGFMEDCRIAQKVKGVDVVVGGHTNTFLYTGSPPSNEVAAGNYPF
MQLSDDGRQVPVVQAYAFGKYLGYLNVIFDDKGKVIKASGNPILLNKSIQEDPAVKAEISRMKVQLQNYSSQEIGRTIVY
LNGTTHACRFHECNLGNLICDAVVYNNLRHPDDNEWNHVSMCIVNGGGIRSPIDEQANNGIITLEELTAVLPFGGTFDLL
QIKGSTLRQAFEHSVHRHGQGTGELLQVSGIKVVYDLSQKPGKRVVSLNVLCTECRVPTYVPLEMEKTYKVLLPSFLAAG
GDGYYMLKGDSSNHSSGDLDISIVGNYIKRMGKVFPAMEGRMVFSAGTLF
;
_entity_poly.pdbx_strand_id   A,B
#
# COMPACT_ATOMS: atom_id res chain seq x y z
N GLY A 1 -64.01 7.40 7.04
CA GLY A 1 -63.10 7.18 8.16
C GLY A 1 -61.72 7.73 7.87
N SER A 2 -60.92 7.92 8.91
CA SER A 2 -59.56 8.40 8.78
C SER A 2 -58.56 7.36 9.28
N PHE A 3 -57.30 7.52 8.88
CA PHE A 3 -56.19 6.63 9.31
C PHE A 3 -55.00 7.47 9.82
N LYS A 4 -54.60 7.26 11.06
CA LYS A 4 -53.48 7.99 11.68
C LYS A 4 -52.20 7.16 11.59
N LEU A 5 -51.21 7.69 10.90
CA LEU A 5 -49.91 7.04 10.76
C LEU A 5 -48.85 7.93 11.42
N THR A 6 -48.12 7.37 12.38
CA THR A 6 -46.99 8.06 13.01
C THR A 6 -45.71 7.55 12.38
N ILE A 7 -44.98 8.44 11.73
CA ILE A 7 -43.72 8.09 11.08
C ILE A 7 -42.57 8.59 11.94
N LEU A 8 -41.75 7.65 12.41
CA LEU A 8 -40.46 7.94 13.03
C LEU A 8 -39.37 7.71 12.00
N HIS A 9 -38.40 8.62 11.93
CA HIS A 9 -37.40 8.48 10.89
C HIS A 9 -36.06 9.02 11.34
N THR A 10 -35.01 8.37 10.85
CA THR A 10 -33.62 8.81 10.99
C THR A 10 -32.97 8.84 9.61
N ASN A 11 -31.95 9.69 9.47
CA ASN A 11 -31.16 9.79 8.25
C ASN A 11 -29.78 10.31 8.63
N ASP A 12 -28.77 9.86 7.89
CA ASP A 12 -27.40 10.32 8.07
C ASP A 12 -26.94 10.21 9.53
N VAL A 13 -27.36 9.13 10.19
CA VAL A 13 -26.92 8.87 11.55
C VAL A 13 -25.40 8.80 11.62
N HIS A 14 -24.79 8.23 10.59
CA HIS A 14 -23.34 8.27 10.39
C HIS A 14 -22.58 7.81 11.63
N ALA A 15 -22.93 6.60 12.07
CA ALA A 15 -22.16 5.85 13.06
C ALA A 15 -22.10 6.54 14.42
N ARG A 16 -23.04 7.43 14.74
CA ARG A 16 -23.08 8.01 16.07
C ARG A 16 -23.83 7.03 16.98
N LEU A 17 -23.11 5.97 17.38
CA LEU A 17 -23.71 4.94 18.21
C LEU A 17 -23.86 5.42 19.66
N GLU A 18 -22.80 6.04 20.21
CA GLU A 18 -22.88 6.61 21.54
C GLU A 18 -23.48 8.00 21.49
N GLN A 19 -23.92 8.48 22.64
CA GLN A 19 -24.40 9.86 22.74
C GLN A 19 -23.26 10.82 22.43
N THR A 20 -23.62 11.98 21.91
CA THR A 20 -22.65 12.94 21.37
C THR A 20 -22.79 14.30 22.05
N SER A 21 -21.81 15.16 21.77
CA SER A 21 -21.90 16.57 22.11
C SER A 21 -22.98 17.25 21.26
N ARG A 22 -23.22 18.52 21.57
CA ARG A 22 -24.23 19.30 20.84
C ARG A 22 -23.89 19.40 19.35
N ASP A 23 -22.61 19.50 19.02
CA ASP A 23 -22.15 19.52 17.64
C ASP A 23 -21.84 18.13 17.10
N SER A 24 -22.41 17.10 17.73
CA SER A 24 -22.22 15.70 17.34
C SER A 24 -20.76 15.29 17.28
N GLY A 25 -19.92 15.84 18.14
CA GLY A 25 -18.62 15.31 18.41
C GLY A 25 -18.68 14.36 19.60
N LYS A 26 -17.51 14.06 20.14
CA LYS A 26 -17.45 13.17 21.28
C LYS A 26 -18.02 13.86 22.50
N CYS A 27 -18.85 13.15 23.24
CA CYS A 27 -19.52 13.82 24.35
C CYS A 27 -18.60 13.93 25.54
N SER A 28 -18.82 15.00 26.29
CA SER A 28 -18.06 15.21 27.51
C SER A 28 -18.70 14.64 28.76
N GLY A 29 -19.98 14.27 28.71
CA GLY A 29 -20.71 13.92 29.89
C GLY A 29 -21.48 15.07 30.50
N GLU A 30 -21.18 16.32 30.12
CA GLU A 30 -21.91 17.47 30.66
C GLU A 30 -23.35 17.50 30.13
N ASP A 31 -23.50 17.44 28.80
CA ASP A 31 -24.77 17.70 28.14
C ASP A 31 -24.65 16.95 26.81
N CYS A 32 -25.27 15.77 26.74
CA CYS A 32 -25.12 14.88 25.61
C CYS A 32 -26.44 14.72 24.88
N TYR A 33 -26.36 14.12 23.70
CA TYR A 33 -27.46 14.10 22.75
C TYR A 33 -27.39 12.79 21.99
N GLY A 34 -28.55 12.32 21.53
CA GLY A 34 -28.56 11.20 20.61
C GLY A 34 -27.99 9.93 21.20
N GLY A 35 -27.34 9.14 20.33
CA GLY A 35 -26.91 7.80 20.68
C GLY A 35 -28.07 6.84 20.51
N VAL A 36 -27.80 5.56 20.23
CA VAL A 36 -28.89 4.62 20.00
C VAL A 36 -29.66 4.32 21.28
N ALA A 37 -28.99 4.32 22.44
CA ALA A 37 -29.68 4.00 23.69
C ALA A 37 -30.78 5.02 23.98
N ARG A 38 -30.50 6.30 23.76
CA ARG A 38 -31.52 7.30 23.96
C ARG A 38 -32.64 7.18 22.92
N ARG A 39 -32.26 6.93 21.66
CA ARG A 39 -33.28 6.74 20.62
C ARG A 39 -34.17 5.54 20.93
N ALA A 40 -33.58 4.45 21.40
CA ALA A 40 -34.38 3.28 21.75
C ALA A 40 -35.45 3.64 22.78
N THR A 41 -35.10 4.47 23.77
CA THR A 41 -36.06 4.87 24.81
C THR A 41 -37.23 5.64 24.22
N LYS A 42 -36.95 6.65 23.40
CA LYS A 42 -38.02 7.46 22.83
C LYS A 42 -38.89 6.64 21.89
N ILE A 43 -38.26 5.75 21.11
CA ILE A 43 -39.02 4.88 20.21
C ILE A 43 -39.95 3.97 20.99
N ARG A 44 -39.46 3.42 22.11
CA ARG A 44 -40.32 2.58 22.93
C ARG A 44 -41.48 3.37 23.49
N GLN A 45 -41.21 4.58 23.98
CA GLN A 45 -42.28 5.39 24.58
C GLN A 45 -43.34 5.75 23.55
N ILE A 46 -42.92 6.07 22.32
CA ILE A 46 -43.89 6.42 21.29
C ILE A 46 -44.72 5.19 20.90
N ARG A 47 -44.07 4.03 20.79
CA ARG A 47 -44.79 2.82 20.42
C ARG A 47 -45.81 2.42 21.48
N ALA A 48 -45.56 2.77 22.75
CA ALA A 48 -46.48 2.47 23.84
C ALA A 48 -47.69 3.41 23.87
N SER A 49 -47.59 4.58 23.27
CA SER A 49 -48.66 5.56 23.32
C SER A 49 -49.29 5.85 21.97
N HIS A 50 -48.68 5.42 20.86
CA HIS A 50 -49.22 5.63 19.53
C HIS A 50 -49.59 4.27 18.93
N ARG A 51 -50.71 4.24 18.20
CA ARG A 51 -51.22 2.98 17.68
C ARG A 51 -50.42 2.49 16.48
N ASN A 52 -50.33 3.30 15.44
CA ASN A 52 -49.73 2.89 14.16
C ASN A 52 -48.42 3.63 13.98
N VAL A 53 -47.30 2.92 14.16
CA VAL A 53 -45.98 3.53 14.14
C VAL A 53 -45.13 2.83 13.10
N LEU A 54 -44.45 3.63 12.26
CA LEU A 54 -43.42 3.15 11.36
C LEU A 54 -42.10 3.78 11.78
N LEU A 55 -41.04 2.98 11.79
CA LEU A 55 -39.70 3.46 12.06
C LEU A 55 -38.89 3.26 10.79
N LEU A 56 -38.50 4.36 10.16
CA LEU A 56 -37.84 4.32 8.86
C LEU A 56 -36.48 5.00 8.95
N ASP A 57 -35.53 4.51 8.17
CA ASP A 57 -34.23 5.16 8.02
C ASP A 57 -34.00 5.47 6.56
N ALA A 58 -33.57 6.71 6.28
CA ALA A 58 -33.36 7.19 4.93
C ALA A 58 -31.90 7.13 4.52
N GLY A 59 -31.09 6.30 5.18
CA GLY A 59 -29.78 5.98 4.68
C GLY A 59 -28.64 6.72 5.37
N ASP A 60 -27.43 6.30 5.01
CA ASP A 60 -26.19 6.85 5.56
C ASP A 60 -26.08 6.55 7.06
N GLN A 61 -26.38 5.29 7.43
CA GLN A 61 -25.96 4.77 8.72
C GLN A 61 -24.45 4.50 8.72
N TYR A 62 -23.92 4.04 7.59
CA TYR A 62 -22.49 3.77 7.45
C TYR A 62 -21.68 5.07 7.59
N GLN A 63 -20.45 4.93 8.11
CA GLN A 63 -19.38 5.94 8.04
C GLN A 63 -19.58 7.11 9.00
N GLY A 64 -18.56 7.41 9.81
CA GLY A 64 -18.60 8.58 10.68
C GLY A 64 -17.79 8.49 11.96
N THR A 65 -17.65 7.30 12.54
CA THR A 65 -16.91 7.14 13.79
C THR A 65 -16.11 5.86 13.74
N ILE A 66 -15.25 5.69 14.75
CA ILE A 66 -14.48 4.46 14.87
C ILE A 66 -15.39 3.24 14.99
N TRP A 67 -16.66 3.43 15.37
CA TRP A 67 -17.61 2.32 15.39
C TRP A 67 -17.74 1.68 14.01
N PHE A 68 -17.86 2.50 12.96
CA PHE A 68 -17.95 1.93 11.63
C PHE A 68 -16.61 1.39 11.15
N ASN A 69 -15.51 2.02 11.56
CA ASN A 69 -14.21 1.55 11.10
C ASN A 69 -13.91 0.14 11.62
N TYR A 70 -14.35 -0.18 12.84
CA TYR A 70 -14.09 -1.51 13.41
C TYR A 70 -15.19 -2.51 13.09
N PHE A 71 -16.46 -2.15 13.34
CA PHE A 71 -17.55 -3.11 13.18
C PHE A 71 -18.08 -3.22 11.75
N LYS A 72 -17.80 -2.21 10.92
CA LYS A 72 -18.03 -2.27 9.46
C LYS A 72 -19.48 -2.61 9.11
N GLY A 73 -20.42 -2.07 9.85
CA GLY A 73 -21.83 -2.28 9.60
C GLY A 73 -22.48 -3.30 10.50
N ARG A 74 -21.69 -4.14 11.17
CA ARG A 74 -22.27 -5.06 12.15
C ARG A 74 -22.97 -4.30 13.26
N GLU A 75 -22.46 -3.10 13.59
CA GLU A 75 -23.11 -2.26 14.61
C GLU A 75 -24.42 -1.69 14.09
N VAL A 76 -24.53 -1.49 12.77
CA VAL A 76 -25.78 -1.04 12.18
C VAL A 76 -26.80 -2.17 12.20
N VAL A 77 -26.40 -3.35 11.72
CA VAL A 77 -27.27 -4.52 11.79
C VAL A 77 -27.78 -4.70 13.21
N HIS A 78 -26.87 -4.76 14.17
CA HIS A 78 -27.23 -5.10 15.54
C HIS A 78 -28.31 -4.16 16.08
N PHE A 79 -28.07 -2.85 16.03
CA PHE A 79 -28.98 -1.94 16.73
C PHE A 79 -30.20 -1.56 15.90
N MET A 80 -30.09 -1.54 14.57
CA MET A 80 -31.29 -1.33 13.76
C MET A 80 -32.26 -2.51 13.91
N ASN A 81 -31.74 -3.74 14.00
CA ASN A 81 -32.61 -4.89 14.28
C ASN A 81 -33.19 -4.78 15.68
N SER A 82 -32.35 -4.53 16.68
CA SER A 82 -32.85 -4.45 18.04
C SER A 82 -33.85 -3.31 18.20
N LEU A 83 -33.67 -2.21 17.48
CA LEU A 83 -34.66 -1.14 17.54
C LEU A 83 -35.88 -1.42 16.66
N ARG A 84 -35.84 -2.49 15.85
CA ARG A 84 -36.95 -2.93 14.99
C ARG A 84 -37.37 -1.83 14.01
N TYR A 85 -36.39 -1.36 13.21
CA TYR A 85 -36.73 -0.52 12.08
C TYR A 85 -37.63 -1.28 11.14
N ASP A 86 -38.55 -0.56 10.48
CA ASP A 86 -39.44 -1.21 9.54
C ASP A 86 -38.89 -1.23 8.12
N ALA A 87 -38.05 -0.26 7.76
CA ALA A 87 -37.47 -0.20 6.43
C ALA A 87 -36.31 0.78 6.44
N MET A 88 -35.40 0.60 5.50
CA MET A 88 -34.26 1.48 5.33
C MET A 88 -33.98 1.65 3.84
N ALA A 89 -33.75 2.90 3.42
CA ALA A 89 -33.32 3.16 2.06
C ALA A 89 -31.80 3.31 2.07
N LEU A 90 -31.16 2.85 1.01
CA LEU A 90 -29.70 2.87 0.95
C LEU A 90 -29.20 4.29 0.69
N GLY A 91 -28.17 4.69 1.44
CA GLY A 91 -27.51 5.95 1.21
C GLY A 91 -26.19 5.78 0.47
N ASN A 92 -25.59 6.90 0.07
CA ASN A 92 -24.34 6.81 -0.66
C ASN A 92 -23.26 6.12 0.18
N HIS A 93 -23.23 6.40 1.50
CA HIS A 93 -22.17 5.82 2.30
C HIS A 93 -22.38 4.34 2.60
N GLU A 94 -23.56 3.78 2.34
CA GLU A 94 -23.67 2.33 2.48
C GLU A 94 -22.84 1.59 1.43
N PHE A 95 -22.26 2.29 0.47
CA PHE A 95 -21.42 1.66 -0.54
C PHE A 95 -19.94 1.90 -0.31
N ASP A 96 -19.55 2.43 0.86
CA ASP A 96 -18.16 2.85 1.08
C ASP A 96 -17.20 1.66 1.08
N ASN A 97 -17.63 0.51 1.56
CA ASN A 97 -16.81 -0.70 1.51
C ASN A 97 -17.20 -1.60 0.35
N GLY A 98 -17.69 -1.01 -0.72
CA GLY A 98 -18.12 -1.79 -1.89
C GLY A 98 -19.36 -2.63 -1.64
N LEU A 99 -19.74 -3.41 -2.65
CA LEU A 99 -20.92 -4.29 -2.54
C LEU A 99 -20.66 -5.40 -1.54
N ASN A 100 -19.43 -5.91 -1.52
CA ASN A 100 -19.07 -6.97 -0.55
C ASN A 100 -19.31 -6.44 0.86
N GLY A 101 -18.88 -5.21 1.13
CA GLY A 101 -19.07 -4.59 2.43
C GLY A 101 -20.50 -4.14 2.70
N LEU A 102 -21.34 -4.11 1.68
CA LEU A 102 -22.77 -3.87 1.86
C LEU A 102 -23.53 -5.17 2.04
N LEU A 103 -23.31 -6.12 1.11
CA LEU A 103 -23.88 -7.45 1.24
C LEU A 103 -23.56 -8.03 2.61
N ASP A 104 -22.28 -8.04 2.97
CA ASP A 104 -21.77 -8.49 4.25
C ASP A 104 -21.28 -7.27 5.02
N PRO A 105 -21.89 -6.91 6.17
CA PRO A 105 -22.92 -7.68 6.88
C PRO A 105 -24.36 -7.19 6.71
N LEU A 106 -24.57 -6.02 6.11
CA LEU A 106 -25.86 -5.37 6.23
C LEU A 106 -26.96 -6.10 5.48
N LEU A 107 -26.80 -6.29 4.17
CA LEU A 107 -27.93 -6.84 3.39
C LEU A 107 -28.32 -8.22 3.89
N LYS A 108 -27.35 -9.03 4.31
CA LYS A 108 -27.65 -10.41 4.63
C LYS A 108 -28.19 -10.61 6.04
N ASN A 109 -28.15 -9.59 6.89
CA ASN A 109 -28.45 -9.81 8.30
C ASN A 109 -29.49 -8.85 8.89
N VAL A 110 -29.91 -7.82 8.16
CA VAL A 110 -31.00 -6.99 8.66
C VAL A 110 -32.29 -7.80 8.66
N LYS A 111 -33.18 -7.49 9.61
CA LYS A 111 -34.46 -8.15 9.73
C LYS A 111 -35.60 -7.31 9.18
N PHE A 112 -35.29 -6.37 8.31
CA PHE A 112 -36.26 -5.46 7.71
C PHE A 112 -35.86 -5.21 6.26
N PRO A 113 -36.79 -4.80 5.42
CA PRO A 113 -36.45 -4.61 4.01
C PRO A 113 -35.49 -3.46 3.81
N ILE A 114 -34.63 -3.64 2.81
CA ILE A 114 -33.72 -2.62 2.33
C ILE A 114 -34.22 -2.19 0.96
N LEU A 115 -34.48 -0.90 0.80
CA LEU A 115 -35.18 -0.41 -0.37
C LEU A 115 -34.33 0.57 -1.17
N SER A 116 -34.38 0.44 -2.50
CA SER A 116 -33.83 1.42 -3.42
C SER A 116 -34.32 1.09 -4.82
N ALA A 117 -35.27 1.87 -5.32
CA ALA A 117 -35.91 1.51 -6.58
C ALA A 117 -35.05 1.88 -7.80
N ASN A 118 -34.17 2.86 -7.69
CA ASN A 118 -33.47 3.36 -8.86
C ASN A 118 -32.09 2.74 -9.04
N ILE A 119 -31.82 1.63 -8.37
CA ILE A 119 -30.57 0.90 -8.53
C ILE A 119 -30.84 -0.30 -9.40
N ARG A 120 -30.12 -0.42 -10.51
CA ARG A 120 -30.26 -1.53 -11.43
C ARG A 120 -28.99 -2.35 -11.45
N PRO A 121 -29.02 -3.62 -11.05
CA PRO A 121 -27.82 -4.45 -11.13
C PRO A 121 -27.57 -4.92 -12.56
N LYS A 122 -26.30 -5.27 -12.83
CA LYS A 122 -25.87 -5.71 -14.15
C LYS A 122 -25.00 -6.95 -14.02
N GLY A 123 -25.30 -7.96 -14.84
CA GLY A 123 -24.50 -9.17 -14.92
C GLY A 123 -24.42 -9.98 -13.64
N PRO A 124 -23.19 -10.21 -13.16
CA PRO A 124 -22.98 -11.11 -12.02
C PRO A 124 -23.66 -10.68 -10.72
N ILE A 125 -23.76 -9.38 -10.45
CA ILE A 125 -24.30 -8.93 -9.17
C ILE A 125 -25.78 -9.28 -9.05
N ALA A 126 -26.52 -9.15 -10.15
CA ALA A 126 -27.96 -9.37 -10.24
C ALA A 126 -28.50 -10.41 -9.28
N SER A 127 -28.40 -11.69 -9.67
CA SER A 127 -29.01 -12.85 -9.02
C SER A 127 -29.64 -12.57 -7.65
N LYS A 128 -28.80 -12.52 -6.62
CA LYS A 128 -29.26 -12.36 -5.24
C LYS A 128 -29.38 -10.89 -4.81
N ILE A 129 -28.52 -10.01 -5.34
CA ILE A 129 -28.59 -8.60 -4.98
C ILE A 129 -29.95 -8.02 -5.35
N SER A 130 -30.52 -8.47 -6.47
CA SER A 130 -31.92 -8.18 -6.77
C SER A 130 -32.83 -8.64 -5.65
N GLY A 131 -32.52 -9.80 -5.05
CA GLY A 131 -33.30 -10.28 -3.93
C GLY A 131 -33.01 -9.59 -2.62
N TYR A 132 -31.81 -9.04 -2.45
CA TYR A 132 -31.51 -8.40 -1.18
C TYR A 132 -31.98 -6.96 -1.12
N ILE A 133 -32.03 -6.26 -2.24
CA ILE A 133 -32.47 -4.87 -2.30
C ILE A 133 -33.79 -4.84 -3.06
N LEU A 134 -34.85 -4.32 -2.41
CA LEU A 134 -36.12 -4.31 -3.13
C LEU A 134 -36.46 -2.91 -3.64
N PRO A 135 -37.24 -2.76 -4.72
CA PRO A 135 -37.64 -1.40 -5.09
C PRO A 135 -38.64 -0.80 -4.12
N TYR A 136 -39.52 -1.62 -3.55
CA TYR A 136 -40.53 -1.18 -2.61
C TYR A 136 -40.90 -2.34 -1.69
N LYS A 137 -41.64 -2.02 -0.62
CA LYS A 137 -42.20 -3.04 0.26
C LYS A 137 -43.57 -2.57 0.72
N ILE A 138 -44.54 -3.47 0.69
CA ILE A 138 -45.84 -3.22 1.27
C ILE A 138 -45.79 -3.66 2.71
N ILE A 139 -46.13 -2.76 3.62
CA ILE A 139 -46.04 -3.02 5.05
C ILE A 139 -47.44 -2.93 5.66
N ASN A 140 -47.83 -3.98 6.38
CA ASN A 140 -49.10 -3.98 7.08
C ASN A 140 -48.95 -3.14 8.34
N VAL A 141 -49.81 -2.13 8.48
CA VAL A 141 -49.81 -1.25 9.65
C VAL A 141 -51.24 -1.23 10.17
N GLY A 142 -51.48 -1.87 11.30
CA GLY A 142 -52.85 -2.00 11.76
C GLY A 142 -53.67 -2.71 10.71
N SER A 143 -54.84 -2.13 10.39
CA SER A 143 -55.72 -2.68 9.37
C SER A 143 -55.34 -2.24 7.95
N GLU A 144 -54.30 -1.43 7.78
CA GLU A 144 -54.01 -0.80 6.52
C GLU A 144 -52.72 -1.32 5.90
N LYS A 145 -52.56 -1.04 4.62
CA LYS A 145 -51.34 -1.36 3.88
C LYS A 145 -50.67 -0.05 3.50
N VAL A 146 -49.37 0.07 3.82
CA VAL A 146 -48.58 1.25 3.49
C VAL A 146 -47.44 0.80 2.59
N GLY A 147 -47.35 1.38 1.39
CA GLY A 147 -46.25 1.09 0.49
C GLY A 147 -45.09 2.05 0.68
N ILE A 148 -43.88 1.50 0.67
CA ILE A 148 -42.67 2.30 0.86
C ILE A 148 -41.74 2.04 -0.32
N ILE A 149 -41.41 3.09 -1.07
CA ILE A 149 -40.52 2.99 -2.22
C ILE A 149 -39.19 3.65 -1.87
N GLY A 150 -38.10 2.92 -2.11
CA GLY A 150 -36.79 3.45 -1.79
C GLY A 150 -36.14 4.17 -2.96
N TYR A 151 -35.16 5.02 -2.66
CA TYR A 151 -34.35 5.60 -3.71
C TYR A 151 -33.01 6.06 -3.13
N THR A 152 -32.02 6.17 -4.01
CA THR A 152 -30.66 6.47 -3.61
C THR A 152 -30.04 7.44 -4.61
N THR A 153 -29.25 8.39 -4.11
CA THR A 153 -28.72 9.46 -4.96
C THR A 153 -27.95 8.88 -6.15
N LYS A 154 -28.18 9.49 -7.33
CA LYS A 154 -27.46 9.12 -8.55
C LYS A 154 -25.99 9.46 -8.48
N GLU A 155 -25.58 10.23 -7.48
CA GLU A 155 -24.20 10.64 -7.32
C GLU A 155 -23.37 9.58 -6.59
N THR A 156 -24.00 8.49 -6.17
CA THR A 156 -23.27 7.44 -5.44
C THR A 156 -22.02 6.94 -6.17
N PRO A 157 -22.01 6.71 -7.50
CA PRO A 157 -20.76 6.31 -8.16
C PRO A 157 -19.62 7.28 -7.96
N VAL A 158 -19.90 8.56 -7.79
CA VAL A 158 -18.85 9.55 -7.57
C VAL A 158 -18.55 9.73 -6.08
N LEU A 159 -19.53 9.53 -5.21
CA LEU A 159 -19.31 9.73 -3.78
C LEU A 159 -18.79 8.49 -3.08
N SER A 160 -19.00 7.31 -3.64
CA SER A 160 -18.73 6.06 -2.93
C SER A 160 -18.22 5.03 -3.92
N ASN A 161 -18.25 3.75 -3.53
CA ASN A 161 -17.64 2.66 -4.30
C ASN A 161 -18.65 1.58 -4.66
N PRO A 162 -19.77 1.94 -5.31
CA PRO A 162 -20.75 0.91 -5.66
C PRO A 162 -20.24 -0.08 -6.67
N GLY A 163 -19.12 0.18 -7.34
CA GLY A 163 -18.60 -0.74 -8.30
C GLY A 163 -19.16 -0.52 -9.68
N PRO A 164 -18.60 -1.23 -10.67
CA PRO A 164 -18.97 -0.96 -12.06
C PRO A 164 -20.27 -1.61 -12.51
N TYR A 165 -20.77 -2.61 -11.78
CA TYR A 165 -21.96 -3.35 -12.23
C TYR A 165 -23.24 -2.83 -11.60
N LEU A 166 -23.24 -1.62 -11.06
CA LEU A 166 -24.45 -1.04 -10.50
C LEU A 166 -24.74 0.29 -11.16
N GLU A 167 -25.95 0.41 -11.70
CA GLU A 167 -26.40 1.60 -12.38
C GLU A 167 -27.39 2.33 -11.48
N PHE A 168 -27.25 3.64 -11.37
CA PHE A 168 -28.15 4.44 -10.55
C PHE A 168 -28.99 5.28 -11.51
N ARG A 169 -30.30 5.03 -11.51
CA ARG A 169 -31.23 5.63 -12.45
C ARG A 169 -31.88 6.88 -11.84
N ASP A 170 -32.70 7.55 -12.65
CA ASP A 170 -33.37 8.76 -12.19
C ASP A 170 -34.43 8.45 -11.15
N GLU A 171 -34.42 9.19 -10.04
CA GLU A 171 -35.30 8.87 -8.92
C GLU A 171 -36.76 9.06 -9.30
N VAL A 172 -37.09 10.15 -9.97
CA VAL A 172 -38.49 10.43 -10.27
C VAL A 172 -39.05 9.38 -11.23
N GLU A 173 -38.28 9.00 -12.25
CA GLU A 173 -38.80 8.04 -13.21
C GLU A 173 -39.03 6.68 -12.57
N GLU A 174 -38.07 6.19 -11.78
CA GLU A 174 -38.23 4.88 -11.18
C GLU A 174 -39.28 4.89 -10.08
N LEU A 175 -39.37 5.98 -9.32
CA LEU A 175 -40.39 6.03 -8.27
C LEU A 175 -41.78 6.06 -8.89
N GLN A 176 -41.93 6.74 -10.01
CA GLN A 176 -43.23 6.80 -10.67
C GLN A 176 -43.67 5.43 -11.17
N LYS A 177 -42.74 4.63 -11.70
CA LYS A 177 -43.11 3.28 -12.15
C LYS A 177 -43.62 2.44 -10.99
N HIS A 178 -42.98 2.56 -9.82
CA HIS A 178 -43.38 1.70 -8.72
C HIS A 178 -44.58 2.24 -7.96
N ALA A 179 -44.74 3.58 -7.91
CA ALA A 179 -45.97 4.14 -7.38
C ALA A 179 -47.16 3.66 -8.21
N ASP A 180 -47.01 3.65 -9.53
CA ASP A 180 -48.07 3.13 -10.40
C ASP A 180 -48.33 1.65 -10.11
N LYS A 181 -47.27 0.87 -9.88
CA LYS A 181 -47.46 -0.54 -9.59
C LYS A 181 -48.22 -0.72 -8.27
N LEU A 182 -47.79 -0.01 -7.23
CA LEU A 182 -48.48 -0.09 -5.94
C LEU A 182 -49.93 0.34 -6.06
N THR A 183 -50.18 1.39 -6.85
CA THR A 183 -51.54 1.87 -7.04
C THR A 183 -52.41 0.80 -7.69
N THR A 184 -51.90 0.18 -8.76
CA THR A 184 -52.64 -0.90 -9.41
C THR A 184 -52.90 -2.05 -8.44
N LEU A 185 -51.96 -2.32 -7.55
CA LEU A 185 -52.08 -3.38 -6.57
C LEU A 185 -53.03 -3.06 -5.43
N GLY A 186 -53.63 -1.87 -5.41
CA GLY A 186 -54.58 -1.54 -4.36
C GLY A 186 -53.99 -0.89 -3.12
N VAL A 187 -52.75 -0.42 -3.19
CA VAL A 187 -52.11 0.26 -2.07
C VAL A 187 -52.25 1.75 -2.33
N ASN A 188 -53.01 2.45 -1.49
CA ASN A 188 -53.29 3.86 -1.72
C ASN A 188 -52.56 4.80 -0.78
N LYS A 189 -51.69 4.27 0.07
CA LYS A 189 -50.85 5.11 0.93
C LYS A 189 -49.40 4.76 0.62
N ILE A 190 -48.65 5.73 0.10
CA ILE A 190 -47.34 5.47 -0.46
C ILE A 190 -46.35 6.46 0.12
N ILE A 191 -45.31 5.95 0.74
CA ILE A 191 -44.22 6.79 1.29
C ILE A 191 -42.98 6.64 0.42
N ALA A 192 -42.39 7.76 0.02
CA ALA A 192 -41.10 7.70 -0.69
C ALA A 192 -40.01 7.91 0.35
N LEU A 193 -39.17 6.90 0.54
CA LEU A 193 -38.10 6.95 1.56
C LEU A 193 -36.78 6.84 0.81
N GLY A 194 -35.90 7.81 1.01
CA GLY A 194 -34.69 7.79 0.18
C GLY A 194 -33.59 8.74 0.57
N HIS A 195 -32.51 8.68 -0.18
CA HIS A 195 -31.30 9.44 0.18
C HIS A 195 -30.75 10.19 -1.04
N SER A 196 -31.39 11.31 -1.40
CA SER A 196 -30.88 12.11 -2.51
C SER A 196 -30.82 13.61 -2.21
N GLY A 197 -31.22 14.04 -1.01
CA GLY A 197 -31.14 15.44 -0.66
C GLY A 197 -32.49 16.12 -0.74
N PHE A 198 -32.59 17.23 0.00
CA PHE A 198 -33.85 17.96 0.12
C PHE A 198 -34.39 18.39 -1.24
N MET A 199 -33.53 18.87 -2.13
CA MET A 199 -34.00 19.38 -3.41
C MET A 199 -34.61 18.26 -4.25
N GLU A 200 -34.00 17.08 -4.24
CA GLU A 200 -34.59 15.95 -4.93
C GLU A 200 -35.84 15.45 -4.23
N ASP A 201 -35.88 15.48 -2.90
CA ASP A 201 -37.08 15.09 -2.18
C ASP A 201 -38.28 15.91 -2.61
N CYS A 202 -38.10 17.24 -2.72
CA CYS A 202 -39.20 18.09 -3.13
C CYS A 202 -39.58 17.85 -4.59
N ARG A 203 -38.60 17.53 -5.44
CA ARG A 203 -38.93 17.17 -6.81
C ARG A 203 -39.76 15.90 -6.86
N ILE A 204 -39.40 14.91 -6.04
CA ILE A 204 -40.21 13.70 -5.94
C ILE A 204 -41.62 14.04 -5.48
N ALA A 205 -41.72 14.86 -4.43
CA ALA A 205 -43.04 15.26 -3.92
C ALA A 205 -43.86 15.97 -4.99
N GLN A 206 -43.20 16.74 -5.85
CA GLN A 206 -43.91 17.52 -6.86
C GLN A 206 -44.34 16.66 -8.04
N LYS A 207 -43.48 15.73 -8.48
CA LYS A 207 -43.62 15.09 -9.77
C LYS A 207 -44.11 13.65 -9.73
N VAL A 208 -43.90 12.90 -8.64
CA VAL A 208 -44.25 11.48 -8.61
C VAL A 208 -45.70 11.37 -8.16
N LYS A 209 -46.58 11.10 -9.12
CA LYS A 209 -47.99 10.92 -8.82
C LYS A 209 -48.22 9.71 -7.93
N GLY A 210 -49.02 9.88 -6.89
CA GLY A 210 -49.32 8.82 -5.97
C GLY A 210 -48.47 8.80 -4.71
N VAL A 211 -47.37 9.54 -4.67
CA VAL A 211 -46.56 9.62 -3.46
C VAL A 211 -47.24 10.55 -2.47
N ASP A 212 -47.43 10.09 -1.23
CA ASP A 212 -48.11 10.90 -0.23
C ASP A 212 -47.17 11.62 0.74
N VAL A 213 -46.04 11.00 1.09
CA VAL A 213 -45.08 11.53 2.08
C VAL A 213 -43.68 11.25 1.56
N VAL A 214 -42.77 12.19 1.73
CA VAL A 214 -41.38 12.00 1.35
C VAL A 214 -40.53 12.10 2.61
N VAL A 215 -39.71 11.07 2.85
CA VAL A 215 -38.82 11.01 4.00
C VAL A 215 -37.41 10.91 3.44
N GLY A 216 -36.62 11.95 3.59
CA GLY A 216 -35.37 12.00 2.87
C GLY A 216 -34.15 12.13 3.75
N GLY A 217 -33.02 12.37 3.11
CA GLY A 217 -31.77 12.51 3.83
C GLY A 217 -30.73 13.09 2.91
N HIS A 218 -29.47 12.72 3.15
CA HIS A 218 -28.30 13.08 2.36
C HIS A 218 -27.81 14.51 2.61
N THR A 219 -28.71 15.48 2.69
CA THR A 219 -28.30 16.87 2.87
C THR A 219 -28.30 17.32 4.34
N ASN A 220 -28.61 16.43 5.28
CA ASN A 220 -28.66 16.78 6.71
C ASN A 220 -29.62 17.93 6.96
N THR A 221 -30.70 17.98 6.20
CA THR A 221 -31.59 19.12 6.23
C THR A 221 -32.40 19.13 7.51
N PHE A 222 -32.45 20.28 8.17
CA PHE A 222 -33.18 20.45 9.42
C PHE A 222 -34.43 21.27 9.16
N LEU A 223 -35.58 20.67 9.42
CA LEU A 223 -36.87 21.34 9.32
C LEU A 223 -37.49 21.40 10.70
N TYR A 224 -38.12 22.52 11.01
CA TYR A 224 -38.75 22.70 12.31
C TYR A 224 -39.88 23.71 12.18
N THR A 225 -40.97 23.45 12.88
CA THR A 225 -42.08 24.38 12.99
C THR A 225 -42.03 25.05 14.35
N GLY A 226 -41.97 26.38 14.35
CA GLY A 226 -41.74 27.11 15.58
C GLY A 226 -40.27 27.38 15.79
N SER A 227 -39.94 27.83 17.00
CA SER A 227 -38.55 28.17 17.28
C SER A 227 -37.76 26.90 17.59
N PRO A 228 -36.62 26.68 16.93
CA PRO A 228 -35.92 25.42 17.10
C PRO A 228 -35.33 25.30 18.48
N PRO A 229 -35.09 24.09 18.98
CA PRO A 229 -34.63 23.92 20.36
C PRO A 229 -33.12 24.03 20.56
N SER A 230 -32.32 23.87 19.51
CA SER A 230 -30.88 23.86 19.68
C SER A 230 -30.20 24.79 18.70
N ASN A 231 -28.97 24.50 18.31
CA ASN A 231 -28.24 25.45 17.48
C ASN A 231 -28.44 25.20 15.99
N GLU A 232 -29.14 24.14 15.61
CA GLU A 232 -29.50 23.98 14.21
C GLU A 232 -30.57 25.00 13.83
N VAL A 233 -30.41 25.60 12.66
CA VAL A 233 -31.34 26.59 12.13
C VAL A 233 -32.20 25.92 11.08
N ALA A 234 -33.52 26.15 11.18
CA ALA A 234 -34.46 25.49 10.28
C ALA A 234 -34.38 26.08 8.88
N ALA A 235 -34.32 25.20 7.88
CA ALA A 235 -34.40 25.61 6.49
C ALA A 235 -35.84 25.73 6.00
N GLY A 236 -36.80 25.30 6.81
CA GLY A 236 -38.21 25.37 6.47
C GLY A 236 -39.03 24.74 7.56
N ASN A 237 -40.35 24.75 7.37
CA ASN A 237 -41.27 24.15 8.31
C ASN A 237 -41.09 22.64 8.36
N TYR A 238 -41.53 22.04 9.46
CA TYR A 238 -41.63 20.59 9.57
C TYR A 238 -43.09 20.22 9.78
N PRO A 239 -43.72 19.49 8.85
CA PRO A 239 -43.12 19.07 7.58
C PRO A 239 -43.05 20.22 6.57
N PHE A 240 -42.19 20.10 5.55
CA PHE A 240 -42.20 21.04 4.43
C PHE A 240 -43.29 20.62 3.46
N MET A 241 -44.23 21.52 3.17
CA MET A 241 -45.39 21.22 2.33
C MET A 241 -45.08 21.59 0.90
N GLN A 242 -44.82 20.57 0.07
CA GLN A 242 -44.56 20.80 -1.35
C GLN A 242 -45.86 20.66 -2.14
N LEU A 243 -46.22 21.69 -2.90
CA LEU A 243 -47.38 21.59 -3.78
C LEU A 243 -47.05 20.66 -4.95
N SER A 244 -47.84 19.59 -5.13
CA SER A 244 -47.60 18.68 -6.24
C SER A 244 -48.13 19.31 -7.54
N ASP A 245 -47.78 18.68 -8.68
CA ASP A 245 -48.22 19.19 -9.97
C ASP A 245 -49.74 19.12 -10.15
N ASP A 246 -50.34 18.20 -9.39
CA ASP A 246 -51.81 18.00 -9.41
C ASP A 246 -52.47 18.58 -8.16
N GLY A 247 -51.90 19.63 -7.55
CA GLY A 247 -52.58 20.35 -6.45
C GLY A 247 -52.64 19.64 -5.12
N ARG A 248 -51.74 18.69 -4.90
CA ARG A 248 -51.70 18.04 -3.59
C ARG A 248 -50.56 18.61 -2.76
N GLN A 249 -50.81 18.89 -1.50
CA GLN A 249 -49.76 19.28 -0.57
C GLN A 249 -49.12 17.99 -0.07
N VAL A 250 -47.83 17.81 -0.37
CA VAL A 250 -47.12 16.59 -0.02
C VAL A 250 -46.12 16.91 1.08
N PRO A 251 -46.26 16.35 2.28
CA PRO A 251 -45.27 16.60 3.33
C PRO A 251 -43.93 15.97 2.99
N VAL A 252 -42.87 16.76 3.15
CA VAL A 252 -41.50 16.33 2.95
C VAL A 252 -40.78 16.46 4.29
N VAL A 253 -40.09 15.41 4.72
CA VAL A 253 -39.41 15.50 6.00
C VAL A 253 -37.99 15.00 5.87
N GLN A 254 -37.12 15.59 6.68
CA GLN A 254 -35.78 15.13 6.97
C GLN A 254 -35.57 15.40 8.46
N ALA A 255 -34.53 14.81 9.06
CA ALA A 255 -34.28 15.00 10.50
C ALA A 255 -32.79 15.24 10.79
N TYR A 256 -32.24 16.28 10.16
CA TYR A 256 -30.85 16.70 10.38
C TYR A 256 -29.90 15.53 10.12
N ALA A 257 -29.13 15.10 11.12
CA ALA A 257 -28.14 14.04 10.93
C ALA A 257 -27.57 13.66 12.29
N PHE A 258 -26.74 12.61 12.30
CA PHE A 258 -25.93 12.22 13.45
C PHE A 258 -26.78 11.75 14.63
N GLY A 259 -28.05 11.46 14.42
CA GLY A 259 -28.88 10.94 15.50
C GLY A 259 -29.20 11.93 16.60
N LYS A 260 -28.98 13.22 16.36
CA LYS A 260 -29.32 14.25 17.35
C LYS A 260 -30.82 14.33 17.57
N TYR A 261 -31.62 14.18 16.50
CA TYR A 261 -33.08 14.21 16.57
C TYR A 261 -33.66 12.89 16.10
N LEU A 262 -34.85 12.60 16.61
CA LEU A 262 -35.72 11.56 16.06
C LEU A 262 -36.85 12.23 15.29
N GLY A 263 -36.91 12.00 13.98
CA GLY A 263 -38.02 12.52 13.21
C GLY A 263 -39.33 11.97 13.72
N TYR A 264 -40.36 12.82 13.73
CA TYR A 264 -41.65 12.47 14.33
C TYR A 264 -42.75 13.20 13.58
N LEU A 265 -43.48 12.47 12.73
CA LEU A 265 -44.50 13.04 11.86
C LEU A 265 -45.79 12.25 11.99
N ASN A 266 -46.87 12.94 12.36
CA ASN A 266 -48.20 12.34 12.42
C ASN A 266 -48.93 12.69 11.12
N VAL A 267 -49.31 11.68 10.38
CA VAL A 267 -49.98 11.86 9.10
C VAL A 267 -51.38 11.28 9.21
N ILE A 268 -52.37 12.07 8.83
CA ILE A 268 -53.76 11.60 8.79
C ILE A 268 -54.15 11.38 7.34
N PHE A 269 -54.58 10.17 7.01
CA PHE A 269 -55.06 9.81 5.69
C PHE A 269 -56.57 9.63 5.76
N ASP A 270 -57.27 9.98 4.70
CA ASP A 270 -58.67 9.60 4.61
C ASP A 270 -58.75 8.15 4.12
N ASP A 271 -59.98 7.66 3.96
CA ASP A 271 -60.15 6.25 3.63
C ASP A 271 -59.71 5.92 2.22
N LYS A 272 -59.41 6.93 1.40
CA LYS A 272 -58.90 6.67 0.07
C LYS A 272 -57.43 7.05 -0.11
N GLY A 273 -56.71 7.27 0.98
CA GLY A 273 -55.28 7.43 0.89
C GLY A 273 -54.81 8.85 0.63
N LYS A 274 -55.67 9.84 0.81
CA LYS A 274 -55.29 11.23 0.65
C LYS A 274 -54.87 11.80 2.01
N VAL A 275 -53.79 12.58 2.01
CA VAL A 275 -53.31 13.19 3.24
C VAL A 275 -54.19 14.38 3.59
N ILE A 276 -54.81 14.34 4.77
CA ILE A 276 -55.68 15.41 5.24
C ILE A 276 -54.89 16.30 6.20
N LYS A 277 -53.91 15.71 6.86
CA LYS A 277 -53.15 16.46 7.85
C LYS A 277 -51.79 15.80 8.02
N ALA A 278 -50.77 16.64 8.17
CA ALA A 278 -49.41 16.19 8.44
C ALA A 278 -48.78 17.20 9.37
N SER A 279 -48.40 16.75 10.57
CA SER A 279 -48.03 17.62 11.66
C SER A 279 -46.98 16.91 12.51
N GLY A 280 -46.20 17.70 13.23
CA GLY A 280 -45.24 17.17 14.18
C GLY A 280 -44.01 18.05 14.24
N ASN A 281 -42.90 17.43 14.66
CA ASN A 281 -41.61 18.10 14.79
C ASN A 281 -40.55 17.06 15.14
N PRO A 282 -39.31 17.22 14.69
CA PRO A 282 -38.26 16.30 15.13
C PRO A 282 -38.03 16.43 16.63
N ILE A 283 -37.85 15.29 17.28
CA ILE A 283 -37.69 15.23 18.73
C ILE A 283 -36.23 15.37 19.06
N LEU A 284 -35.87 16.44 19.79
CA LEU A 284 -34.49 16.60 20.23
C LEU A 284 -34.18 15.54 21.29
N LEU A 285 -33.18 14.69 21.02
CA LEU A 285 -32.83 13.63 21.95
C LEU A 285 -31.81 14.17 22.95
N ASN A 286 -32.31 14.89 23.95
CA ASN A 286 -31.43 15.44 24.97
C ASN A 286 -31.54 14.65 26.28
N LYS A 287 -30.84 15.12 27.30
CA LYS A 287 -30.69 14.35 28.53
C LYS A 287 -32.01 14.14 29.27
N SER A 288 -33.05 14.91 28.94
CA SER A 288 -34.35 14.64 29.55
C SER A 288 -34.91 13.28 29.16
N ILE A 289 -34.35 12.64 28.13
CA ILE A 289 -34.75 11.28 27.73
C ILE A 289 -33.66 10.34 28.18
N GLN A 290 -34.02 9.34 28.98
CA GLN A 290 -33.04 8.43 29.54
C GLN A 290 -32.42 7.51 28.48
N GLU A 291 -31.12 7.27 28.61
CA GLU A 291 -30.45 6.24 27.81
C GLU A 291 -30.95 4.87 28.28
N ASP A 292 -31.52 4.11 27.36
CA ASP A 292 -31.99 2.77 27.73
C ASP A 292 -30.85 1.96 28.34
N PRO A 293 -31.00 1.46 29.57
CA PRO A 293 -29.88 0.74 30.22
C PRO A 293 -29.44 -0.51 29.47
N ALA A 294 -30.36 -1.27 28.88
CA ALA A 294 -29.96 -2.49 28.19
C ALA A 294 -29.20 -2.18 26.91
N VAL A 295 -29.64 -1.19 26.15
CA VAL A 295 -28.89 -0.80 24.96
C VAL A 295 -27.55 -0.22 25.36
N LYS A 296 -27.54 0.59 26.42
CA LYS A 296 -26.30 1.20 26.90
C LYS A 296 -25.29 0.15 27.34
N ALA A 297 -25.75 -0.91 28.01
CA ALA A 297 -24.86 -1.98 28.42
C ALA A 297 -24.24 -2.67 27.19
N GLU A 298 -25.05 -2.90 26.15
CA GLU A 298 -24.51 -3.43 24.91
C GLU A 298 -23.50 -2.47 24.29
N ILE A 299 -23.80 -1.17 24.32
CA ILE A 299 -22.85 -0.18 23.83
C ILE A 299 -21.56 -0.24 24.63
N SER A 300 -21.68 -0.30 25.96
CA SER A 300 -20.50 -0.32 26.82
C SER A 300 -19.67 -1.57 26.58
N ARG A 301 -20.34 -2.72 26.37
CA ARG A 301 -19.61 -3.95 26.08
C ARG A 301 -18.85 -3.83 24.77
N MET A 302 -19.46 -3.21 23.77
CA MET A 302 -18.81 -3.05 22.48
C MET A 302 -17.73 -1.98 22.54
N LYS A 303 -17.95 -0.92 23.31
CA LYS A 303 -16.93 0.11 23.41
C LYS A 303 -15.65 -0.44 24.05
N VAL A 304 -15.77 -1.42 24.96
CA VAL A 304 -14.57 -2.01 25.54
C VAL A 304 -13.73 -2.62 24.44
N GLN A 305 -14.39 -3.26 23.49
CA GLN A 305 -13.68 -3.89 22.35
C GLN A 305 -13.05 -2.80 21.47
N LEU A 306 -13.78 -1.70 21.27
CA LEU A 306 -13.21 -0.64 20.46
C LEU A 306 -11.98 -0.01 21.10
N GLN A 307 -11.93 0.03 22.43
CA GLN A 307 -10.77 0.63 23.07
C GLN A 307 -9.52 -0.21 22.86
N ASN A 308 -9.67 -1.53 22.87
CA ASN A 308 -8.55 -2.41 22.51
C ASN A 308 -8.13 -2.19 21.07
N TYR A 309 -9.11 -2.17 20.15
CA TYR A 309 -8.82 -1.98 18.74
C TYR A 309 -8.05 -0.70 18.46
N SER A 310 -8.37 0.37 19.18
CA SER A 310 -7.76 1.66 18.88
C SER A 310 -6.29 1.70 19.26
N SER A 311 -5.82 0.74 20.05
CA SER A 311 -4.42 0.67 20.45
C SER A 311 -3.63 -0.36 19.66
N GLN A 312 -4.22 -0.92 18.60
CA GLN A 312 -3.55 -1.92 17.80
C GLN A 312 -2.73 -1.26 16.70
N GLU A 313 -1.61 -1.88 16.38
CA GLU A 313 -0.74 -1.42 15.30
C GLU A 313 -1.44 -1.53 13.95
N ILE A 314 -1.50 -0.43 13.21
CA ILE A 314 -2.01 -0.43 11.84
C ILE A 314 -0.84 -0.50 10.86
N GLY A 315 0.26 0.14 11.22
CA GLY A 315 1.40 0.26 10.32
C GLY A 315 2.48 1.03 11.03
N ARG A 316 3.55 1.34 10.32
CA ARG A 316 4.68 2.03 10.92
C ARG A 316 5.18 3.16 10.03
N THR A 317 5.72 4.19 10.68
CA THR A 317 6.48 5.23 10.01
C THR A 317 7.96 5.04 10.29
N ILE A 318 8.79 5.20 9.24
CA ILE A 318 10.23 5.20 9.44
C ILE A 318 10.79 6.63 9.42
N VAL A 319 9.92 7.64 9.39
CA VAL A 319 10.33 9.03 9.47
C VAL A 319 9.51 9.74 10.53
N TYR A 320 10.09 10.82 11.05
CA TYR A 320 9.31 11.72 11.90
C TYR A 320 8.21 12.34 11.07
N LEU A 321 6.97 12.20 11.51
CA LEU A 321 5.84 12.82 10.84
C LEU A 321 5.62 14.15 11.55
N ASN A 322 6.10 15.24 10.94
CA ASN A 322 6.25 16.50 11.68
C ASN A 322 4.94 17.28 11.68
N GLY A 323 4.08 16.95 12.64
CA GLY A 323 2.83 17.65 12.81
C GLY A 323 2.88 18.68 13.92
N THR A 324 4.07 19.21 14.21
CA THR A 324 4.16 20.31 15.16
C THR A 324 3.62 21.58 14.53
N THR A 325 3.16 22.50 15.37
CA THR A 325 2.69 23.79 14.87
C THR A 325 3.81 24.50 14.12
N HIS A 326 5.04 24.39 14.63
CA HIS A 326 6.15 25.09 14.01
C HIS A 326 6.37 24.66 12.58
N ALA A 327 6.01 23.43 12.24
CA ALA A 327 6.12 23.00 10.85
C ALA A 327 4.83 23.26 10.07
N CYS A 328 3.74 22.60 10.46
CA CYS A 328 2.52 22.59 9.66
C CYS A 328 1.87 23.96 9.50
N ARG A 329 2.17 24.92 10.35
CA ARG A 329 1.60 26.25 10.24
C ARG A 329 2.54 27.26 9.57
N PHE A 330 3.76 26.86 9.24
CA PHE A 330 4.74 27.77 8.65
C PHE A 330 5.27 27.30 7.31
N HIS A 331 5.37 26.00 7.07
CA HIS A 331 5.94 25.54 5.81
C HIS A 331 5.38 24.15 5.49
N GLU A 332 5.99 23.50 4.50
CA GLU A 332 5.56 22.17 4.07
C GLU A 332 5.82 21.16 5.18
N CYS A 333 4.79 20.47 5.64
CA CYS A 333 4.99 19.43 6.64
C CYS A 333 4.66 18.07 6.03
N ASN A 334 5.61 17.15 6.10
CA ASN A 334 5.43 15.83 5.51
C ASN A 334 4.21 15.09 6.05
N LEU A 335 3.74 15.39 7.27
CA LEU A 335 2.52 14.75 7.77
C LEU A 335 1.29 15.26 7.03
N GLY A 336 1.24 16.56 6.73
CA GLY A 336 0.16 17.06 5.90
C GLY A 336 0.20 16.44 4.51
N ASN A 337 1.40 16.23 3.97
CA ASN A 337 1.51 15.59 2.67
C ASN A 337 0.92 14.20 2.70
N LEU A 338 1.21 13.45 3.78
CA LEU A 338 0.64 12.12 3.88
C LEU A 338 -0.87 12.19 3.99
N ILE A 339 -1.39 13.11 4.80
CA ILE A 339 -2.83 13.14 5.06
C ILE A 339 -3.59 13.36 3.76
N CYS A 340 -3.16 14.34 2.95
CA CYS A 340 -3.89 14.62 1.72
C CYS A 340 -3.61 13.61 0.62
N ASP A 341 -2.45 12.94 0.67
CA ASP A 341 -2.27 11.79 -0.20
C ASP A 341 -3.23 10.67 0.17
N ALA A 342 -3.42 10.44 1.46
CA ALA A 342 -4.41 9.46 1.90
C ALA A 342 -5.81 9.88 1.47
N VAL A 343 -6.11 11.18 1.51
CA VAL A 343 -7.46 11.63 1.15
C VAL A 343 -7.71 11.39 -0.34
N VAL A 344 -6.75 11.74 -1.19
CA VAL A 344 -6.93 11.53 -2.62
C VAL A 344 -7.09 10.05 -2.91
N TYR A 345 -6.25 9.21 -2.30
CA TYR A 345 -6.36 7.78 -2.51
C TYR A 345 -7.73 7.26 -2.13
N ASN A 346 -8.30 7.76 -1.03
CA ASN A 346 -9.61 7.31 -0.63
C ASN A 346 -10.71 7.73 -1.61
N ASN A 347 -10.47 8.76 -2.41
CA ASN A 347 -11.50 9.26 -3.31
C ASN A 347 -11.25 8.87 -4.76
N LEU A 348 -10.52 7.79 -5.00
CA LEU A 348 -10.40 7.25 -6.35
C LEU A 348 -11.68 6.49 -6.70
N ARG A 349 -12.48 7.03 -7.61
CA ARG A 349 -13.78 6.45 -7.96
C ARG A 349 -13.78 6.04 -9.43
N HIS A 350 -14.82 5.28 -9.81
CA HIS A 350 -14.91 4.82 -11.19
C HIS A 350 -14.93 6.01 -12.13
N PRO A 351 -13.89 6.17 -12.95
CA PRO A 351 -13.82 7.33 -13.84
C PRO A 351 -14.86 7.26 -14.95
N ASP A 352 -15.70 8.26 -15.03
CA ASP A 352 -16.55 8.54 -16.18
C ASP A 352 -15.86 9.47 -17.15
N ASP A 353 -16.50 9.58 -18.31
CA ASP A 353 -16.00 10.14 -19.55
C ASP A 353 -14.48 10.30 -19.64
N ASN A 354 -14.00 11.53 -19.50
CA ASN A 354 -12.72 11.98 -20.01
C ASN A 354 -11.61 12.04 -18.97
N GLU A 355 -11.75 11.38 -17.83
CA GLU A 355 -10.88 11.65 -16.69
C GLU A 355 -10.30 10.37 -16.11
N TRP A 356 -9.05 10.47 -15.63
CA TRP A 356 -8.45 9.36 -14.90
C TRP A 356 -9.03 9.24 -13.50
N ASN A 357 -9.53 10.35 -12.95
CA ASN A 357 -10.34 10.36 -11.74
C ASN A 357 -11.04 11.70 -11.65
N HIS A 358 -12.16 11.71 -10.93
CA HIS A 358 -12.96 12.93 -10.88
C HIS A 358 -12.33 14.02 -10.00
N VAL A 359 -11.40 13.67 -9.12
CA VAL A 359 -10.73 14.65 -8.28
C VAL A 359 -9.25 14.28 -8.14
N SER A 360 -8.39 15.30 -8.12
CA SER A 360 -6.95 15.08 -8.03
C SER A 360 -6.27 15.87 -6.92
N MET A 361 -6.98 16.77 -6.24
CA MET A 361 -6.39 17.71 -5.29
C MET A 361 -7.02 17.58 -3.92
N CYS A 362 -6.20 17.79 -2.90
CA CYS A 362 -6.63 17.86 -1.52
C CYS A 362 -5.90 19.01 -0.84
N ILE A 363 -6.56 19.62 0.14
CA ILE A 363 -5.96 20.63 1.01
C ILE A 363 -6.33 20.29 2.43
N VAL A 364 -5.45 20.67 3.36
CA VAL A 364 -5.79 20.62 4.78
C VAL A 364 -5.01 21.73 5.47
N ASN A 365 -5.73 22.54 6.24
CA ASN A 365 -5.10 23.64 6.95
C ASN A 365 -4.19 23.10 8.05
N GLY A 366 -3.02 23.73 8.22
CA GLY A 366 -2.11 23.31 9.27
C GLY A 366 -2.75 23.25 10.63
N GLY A 367 -3.73 24.13 10.89
CA GLY A 367 -4.40 24.12 12.17
C GLY A 367 -5.21 22.87 12.45
N GLY A 368 -5.53 22.08 11.42
CA GLY A 368 -6.22 20.82 11.64
C GLY A 368 -5.32 19.65 11.99
N ILE A 369 -4.01 19.83 11.92
CA ILE A 369 -3.04 18.79 12.26
C ILE A 369 -2.52 19.10 13.67
N ARG A 370 -2.92 18.31 14.65
CA ARG A 370 -2.77 18.67 16.06
C ARG A 370 -1.61 17.99 16.75
N SER A 371 -0.83 17.18 16.04
CA SER A 371 0.27 16.50 16.72
C SER A 371 1.21 15.89 15.71
N PRO A 372 2.49 15.80 16.04
CA PRO A 372 3.40 14.96 15.26
C PRO A 372 3.22 13.50 15.66
N ILE A 373 3.89 12.63 14.92
CA ILE A 373 4.01 11.23 15.32
C ILE A 373 5.50 10.91 15.29
N ASP A 374 6.03 10.51 16.44
CA ASP A 374 7.46 10.30 16.63
C ASP A 374 7.83 8.88 16.21
N GLU A 375 8.69 8.78 15.20
CA GLU A 375 9.16 7.47 14.75
C GLU A 375 10.13 6.84 15.74
N GLN A 376 10.67 7.62 16.68
CA GLN A 376 11.56 7.10 17.71
C GLN A 376 10.83 6.66 18.98
N ALA A 377 9.53 6.95 19.08
CA ALA A 377 8.82 6.71 20.33
C ALA A 377 8.60 5.23 20.59
N ASN A 378 7.87 4.55 19.70
CA ASN A 378 7.53 3.15 19.90
C ASN A 378 7.75 2.40 18.58
N ASN A 379 8.99 2.43 18.12
CA ASN A 379 9.39 1.81 16.86
C ASN A 379 8.52 2.32 15.71
N GLY A 380 8.07 3.57 15.81
CA GLY A 380 7.28 4.19 14.77
C GLY A 380 5.92 3.58 14.57
N ILE A 381 5.43 2.83 15.57
CA ILE A 381 4.16 2.12 15.43
C ILE A 381 3.03 3.13 15.40
N ILE A 382 2.15 3.01 14.41
CA ILE A 382 1.01 3.89 14.25
C ILE A 382 -0.25 3.13 14.64
N THR A 383 -1.02 3.69 15.57
CA THR A 383 -2.33 3.16 15.92
C THR A 383 -3.40 4.23 15.69
N LEU A 384 -4.66 3.83 15.90
CA LEU A 384 -5.74 4.81 15.80
C LEU A 384 -5.63 5.86 16.89
N GLU A 385 -5.01 5.50 18.02
CA GLU A 385 -4.77 6.50 19.06
C GLU A 385 -3.80 7.57 18.59
N GLU A 386 -2.71 7.16 17.92
CA GLU A 386 -1.77 8.14 17.39
C GLU A 386 -2.45 9.03 16.36
N LEU A 387 -3.29 8.44 15.51
CA LEU A 387 -3.99 9.21 14.50
C LEU A 387 -5.02 10.15 15.12
N THR A 388 -5.63 9.73 16.23
CA THR A 388 -6.56 10.61 16.93
C THR A 388 -5.85 11.82 17.50
N ALA A 389 -4.60 11.65 17.96
CA ALA A 389 -3.85 12.81 18.44
C ALA A 389 -3.62 13.82 17.32
N VAL A 390 -3.40 13.34 16.10
CA VAL A 390 -3.21 14.24 14.95
C VAL A 390 -4.55 14.86 14.52
N LEU A 391 -5.59 14.04 14.43
CA LEU A 391 -6.91 14.47 13.96
C LEU A 391 -7.91 14.11 15.05
N PRO A 392 -8.08 14.96 16.06
CA PRO A 392 -8.89 14.59 17.23
C PRO A 392 -10.37 14.93 17.17
N PHE A 393 -10.84 15.62 16.14
CA PHE A 393 -12.17 16.22 16.18
C PHE A 393 -13.24 15.40 15.46
N GLY A 394 -12.90 14.24 14.92
CA GLY A 394 -13.90 13.42 14.28
C GLY A 394 -14.49 14.02 13.01
N GLY A 395 -13.75 14.90 12.34
CA GLY A 395 -14.23 15.47 11.11
C GLY A 395 -14.06 14.55 9.91
N THR A 396 -14.50 15.04 8.76
CA THR A 396 -14.42 14.29 7.52
C THR A 396 -13.59 15.05 6.49
N PHE A 397 -13.32 14.38 5.38
CA PHE A 397 -12.83 15.07 4.20
C PHE A 397 -13.94 15.06 3.17
N ASP A 398 -14.29 16.25 2.71
CA ASP A 398 -15.44 16.47 1.84
C ASP A 398 -14.95 16.85 0.47
N LEU A 399 -15.88 16.83 -0.48
CA LEU A 399 -15.64 17.20 -1.85
C LEU A 399 -16.31 18.55 -2.13
N LEU A 400 -15.54 19.50 -2.65
CA LEU A 400 -16.05 20.85 -2.93
C LEU A 400 -15.81 21.20 -4.39
N GLN A 401 -16.85 21.67 -5.07
CA GLN A 401 -16.73 22.20 -6.42
C GLN A 401 -16.46 23.69 -6.34
N ILE A 402 -15.40 24.15 -7.01
CA ILE A 402 -14.86 25.48 -6.75
C ILE A 402 -14.18 25.99 -8.01
N LYS A 403 -14.46 27.25 -8.36
CA LYS A 403 -13.75 27.82 -9.49
C LYS A 403 -12.32 28.17 -9.12
N GLY A 404 -11.47 28.20 -10.14
CA GLY A 404 -10.07 28.50 -9.93
C GLY A 404 -9.85 29.80 -9.20
N SER A 405 -10.64 30.83 -9.54
CA SER A 405 -10.53 32.14 -8.87
C SER A 405 -10.73 32.02 -7.36
N THR A 406 -11.74 31.26 -6.93
CA THR A 406 -11.96 31.11 -5.49
C THR A 406 -10.82 30.35 -4.83
N LEU A 407 -10.37 29.26 -5.48
CA LEU A 407 -9.23 28.50 -4.96
C LEU A 407 -8.02 29.39 -4.78
N ARG A 408 -7.77 30.28 -5.74
CA ARG A 408 -6.65 31.19 -5.63
C ARG A 408 -6.85 32.16 -4.46
N GLN A 409 -8.09 32.59 -4.26
CA GLN A 409 -8.39 33.42 -3.11
C GLN A 409 -8.16 32.66 -1.81
N ALA A 410 -8.43 31.36 -1.81
CA ALA A 410 -8.16 30.55 -0.62
C ALA A 410 -6.67 30.48 -0.32
N PHE A 411 -5.85 30.35 -1.36
CA PHE A 411 -4.41 30.26 -1.14
C PHE A 411 -3.81 31.61 -0.76
N GLU A 412 -4.42 32.73 -1.17
CA GLU A 412 -4.01 34.02 -0.62
C GLU A 412 -4.29 34.08 0.87
N HIS A 413 -5.48 33.64 1.28
CA HIS A 413 -5.83 33.60 2.70
C HIS A 413 -4.89 32.68 3.47
N SER A 414 -4.33 31.67 2.78
CA SER A 414 -3.45 30.69 3.40
C SER A 414 -2.17 31.32 3.94
N VAL A 415 -1.75 32.48 3.42
CA VAL A 415 -0.51 33.12 3.87
C VAL A 415 -0.72 34.60 4.19
N HIS A 416 -1.98 35.05 4.26
CA HIS A 416 -2.22 36.47 4.50
C HIS A 416 -1.81 36.89 5.91
N ARG A 417 -1.77 35.96 6.86
CA ARG A 417 -1.20 36.18 8.19
C ARG A 417 0.01 35.29 8.44
N HIS A 418 0.69 34.82 7.38
CA HIS A 418 1.79 33.88 7.57
C HIS A 418 2.80 34.44 8.56
N GLY A 419 3.25 33.58 9.48
CA GLY A 419 4.17 33.97 10.52
C GLY A 419 3.52 34.18 11.88
N GLN A 420 2.21 34.41 11.94
CA GLN A 420 1.53 34.58 13.23
C GLN A 420 1.25 33.26 13.93
N GLY A 421 1.53 32.12 13.31
CA GLY A 421 1.29 30.87 14.00
C GLY A 421 -0.15 30.44 14.09
N THR A 422 -1.06 31.10 13.38
CA THR A 422 -2.43 30.66 13.31
C THR A 422 -2.53 29.48 12.33
N GLY A 423 -3.71 28.89 12.19
CA GLY A 423 -3.78 27.60 11.53
C GLY A 423 -4.15 27.58 10.05
N GLU A 424 -3.98 28.69 9.34
CA GLU A 424 -4.54 28.76 7.99
C GLU A 424 -3.74 27.98 6.95
N LEU A 425 -2.40 27.96 7.08
CA LEU A 425 -1.54 27.47 6.00
C LEU A 425 -2.02 26.13 5.46
N LEU A 426 -2.20 26.06 4.13
CA LEU A 426 -2.78 24.89 3.49
C LEU A 426 -1.67 23.90 3.11
N GLN A 427 -1.76 22.70 3.64
CA GLN A 427 -1.01 21.56 3.14
C GLN A 427 -1.81 20.89 2.03
N VAL A 428 -1.11 20.36 1.02
CA VAL A 428 -1.77 20.00 -0.23
C VAL A 428 -1.32 18.64 -0.73
N SER A 429 -2.12 18.10 -1.64
CA SER A 429 -1.68 17.03 -2.54
C SER A 429 -2.27 17.32 -3.92
N GLY A 430 -1.49 17.05 -4.97
CA GLY A 430 -1.96 17.37 -6.31
C GLY A 430 -1.97 18.84 -6.66
N ILE A 431 -1.32 19.68 -5.85
CA ILE A 431 -1.22 21.11 -6.07
C ILE A 431 0.23 21.50 -5.85
N LYS A 432 0.75 22.38 -6.71
CA LYS A 432 2.03 23.04 -6.51
C LYS A 432 1.76 24.53 -6.40
N VAL A 433 2.09 25.10 -5.25
CA VAL A 433 1.88 26.52 -5.00
C VAL A 433 3.23 27.17 -4.75
N VAL A 434 3.43 28.35 -5.33
CA VAL A 434 4.60 29.17 -5.10
C VAL A 434 4.12 30.47 -4.48
N TYR A 435 4.70 30.84 -3.35
CA TYR A 435 4.36 32.05 -2.63
C TYR A 435 5.51 33.05 -2.73
N ASP A 436 5.17 34.32 -2.55
CA ASP A 436 6.13 35.39 -2.33
C ASP A 436 5.61 36.20 -1.15
N LEU A 437 6.16 35.93 0.04
CA LEU A 437 5.69 36.57 1.27
C LEU A 437 6.11 38.03 1.37
N SER A 438 7.11 38.44 0.61
CA SER A 438 7.48 39.85 0.52
C SER A 438 6.35 40.70 -0.07
N GLN A 439 5.43 40.09 -0.82
CA GLN A 439 4.38 40.89 -1.43
C GLN A 439 3.34 41.27 -0.38
N LYS A 440 2.46 42.20 -0.75
CA LYS A 440 1.39 42.60 0.16
C LYS A 440 0.41 41.45 0.40
N PRO A 441 -0.16 41.35 1.59
CA PRO A 441 -1.20 40.34 1.83
C PRO A 441 -2.28 40.45 0.77
N GLY A 442 -2.72 39.31 0.26
CA GLY A 442 -3.64 39.27 -0.85
C GLY A 442 -2.99 39.18 -2.21
N LYS A 443 -1.67 39.36 -2.30
CA LYS A 443 -0.93 39.23 -3.55
C LYS A 443 0.32 38.38 -3.37
N ARG A 444 0.24 37.36 -2.52
CA ARG A 444 1.42 36.57 -2.20
C ARG A 444 1.51 35.26 -2.96
N VAL A 445 0.48 34.91 -3.73
CA VAL A 445 0.49 33.71 -4.56
C VAL A 445 1.15 34.03 -5.89
N VAL A 446 2.29 33.41 -6.15
CA VAL A 446 2.99 33.60 -7.42
C VAL A 446 2.36 32.75 -8.51
N SER A 447 2.11 31.47 -8.20
CA SER A 447 1.55 30.57 -9.20
C SER A 447 0.84 29.43 -8.50
N LEU A 448 -0.15 28.88 -9.17
CA LEU A 448 -0.83 27.67 -8.73
C LEU A 448 -0.90 26.72 -9.90
N ASN A 449 -0.36 25.53 -9.73
CA ASN A 449 -0.46 24.47 -10.72
C ASN A 449 -1.13 23.27 -10.06
N VAL A 450 -1.99 22.60 -10.82
CA VAL A 450 -2.80 21.51 -10.30
C VAL A 450 -2.65 20.31 -11.21
N LEU A 451 -2.89 19.13 -10.63
CA LEU A 451 -2.94 17.89 -11.42
C LEU A 451 -4.20 17.88 -12.26
N CYS A 452 -4.04 17.82 -13.57
CA CYS A 452 -5.17 17.68 -14.47
C CYS A 452 -5.93 16.41 -14.15
N THR A 453 -7.25 16.47 -14.32
CA THR A 453 -8.08 15.27 -14.30
C THR A 453 -8.44 14.80 -15.71
N GLU A 454 -8.60 15.71 -16.67
CA GLU A 454 -9.00 15.38 -18.05
C GLU A 454 -7.75 15.04 -18.88
N CYS A 455 -7.14 13.93 -18.52
CA CYS A 455 -5.85 13.53 -19.08
C CYS A 455 -5.69 12.04 -18.80
N ARG A 456 -4.95 11.37 -19.67
CA ARG A 456 -4.56 10.00 -19.42
C ARG A 456 -3.34 9.87 -18.50
N VAL A 457 -2.45 10.87 -18.49
CA VAL A 457 -1.30 10.83 -17.61
C VAL A 457 -1.36 12.06 -16.70
N PRO A 458 -1.54 11.90 -15.39
CA PRO A 458 -1.63 13.08 -14.52
C PRO A 458 -0.39 13.94 -14.69
N THR A 459 -0.62 15.24 -14.87
CA THR A 459 0.46 16.20 -15.06
C THR A 459 -0.02 17.55 -14.56
N TYR A 460 0.93 18.41 -14.22
CA TYR A 460 0.63 19.68 -13.57
C TYR A 460 0.37 20.74 -14.63
N VAL A 461 -0.76 21.43 -14.50
CA VAL A 461 -1.14 22.48 -15.45
C VAL A 461 -1.51 23.72 -14.67
N PRO A 462 -1.36 24.91 -15.24
CA PRO A 462 -1.71 26.13 -14.50
C PRO A 462 -3.20 26.16 -14.16
N LEU A 463 -3.49 26.71 -12.97
CA LEU A 463 -4.87 26.93 -12.57
C LEU A 463 -5.53 27.97 -13.47
N GLU A 464 -6.74 27.67 -13.93
CA GLU A 464 -7.50 28.58 -14.77
C GLU A 464 -8.59 29.23 -13.94
N MET A 465 -8.68 30.56 -14.01
CA MET A 465 -9.51 31.32 -13.06
C MET A 465 -10.99 31.02 -13.24
N GLU A 466 -11.44 30.78 -14.48
CA GLU A 466 -12.85 30.60 -14.76
C GLU A 466 -13.26 29.14 -14.78
N LYS A 467 -12.32 28.21 -14.64
CA LYS A 467 -12.65 26.79 -14.67
C LYS A 467 -13.16 26.35 -13.29
N THR A 468 -14.06 25.37 -13.30
CA THR A 468 -14.54 24.76 -12.06
C THR A 468 -13.76 23.48 -11.78
N TYR A 469 -13.26 23.36 -10.55
CA TYR A 469 -12.47 22.22 -10.11
C TYR A 469 -13.15 21.51 -8.95
N LYS A 470 -12.75 20.27 -8.73
CA LYS A 470 -13.08 19.55 -7.52
C LYS A 470 -11.87 19.54 -6.60
N VAL A 471 -12.10 19.76 -5.32
CA VAL A 471 -11.02 19.73 -4.36
C VAL A 471 -11.53 19.07 -3.10
N LEU A 472 -10.70 18.21 -2.53
CA LEU A 472 -10.98 17.61 -1.23
C LEU A 472 -10.42 18.51 -0.15
N LEU A 473 -11.18 18.66 0.93
CA LEU A 473 -10.85 19.58 2.01
C LEU A 473 -11.55 19.10 3.28
N PRO A 474 -11.06 19.51 4.45
CA PRO A 474 -11.68 19.04 5.70
C PRO A 474 -13.07 19.64 5.91
N SER A 475 -13.92 18.88 6.60
CA SER A 475 -15.24 19.37 6.96
C SER A 475 -15.13 20.74 7.63
N PHE A 476 -14.09 20.94 8.44
CA PHE A 476 -13.90 22.23 9.12
C PHE A 476 -13.78 23.39 8.13
N LEU A 477 -13.04 23.20 7.04
CA LEU A 477 -12.91 24.28 6.05
C LEU A 477 -14.19 24.44 5.23
N ALA A 478 -14.87 23.33 4.93
CA ALA A 478 -16.12 23.41 4.19
C ALA A 478 -17.19 24.12 4.98
N ALA A 479 -17.02 24.23 6.30
CA ALA A 479 -17.93 25.03 7.10
C ALA A 479 -17.42 26.46 7.29
N GLY A 480 -16.30 26.83 6.67
CA GLY A 480 -15.77 28.17 6.79
C GLY A 480 -14.77 28.36 7.91
N GLY A 481 -14.21 27.27 8.43
CA GLY A 481 -13.27 27.37 9.54
C GLY A 481 -12.01 28.14 9.19
N ASP A 482 -11.40 28.69 10.23
CA ASP A 482 -10.13 29.41 10.13
C ASP A 482 -10.21 30.53 9.10
N GLY A 483 -11.37 31.18 9.01
CA GLY A 483 -11.55 32.32 8.14
C GLY A 483 -11.74 32.00 6.67
N TYR A 484 -11.91 30.73 6.32
CA TYR A 484 -12.11 30.35 4.93
C TYR A 484 -13.60 30.41 4.57
N TYR A 485 -14.17 31.60 4.64
CA TYR A 485 -15.59 31.82 4.29
C TYR A 485 -15.82 31.42 2.84
N MET A 486 -14.77 31.52 2.05
CA MET A 486 -14.90 31.27 0.61
C MET A 486 -14.81 29.80 0.29
N LEU A 487 -14.43 28.97 1.26
CA LEU A 487 -14.55 27.53 1.07
C LEU A 487 -15.88 26.98 1.58
N LYS A 488 -16.75 27.82 2.13
CA LYS A 488 -17.99 27.32 2.72
C LYS A 488 -18.86 26.68 1.64
N GLY A 489 -19.26 25.44 1.89
CA GLY A 489 -20.05 24.69 0.94
C GLY A 489 -21.52 24.63 1.30
N ASP A 490 -22.35 24.40 0.29
CA ASP A 490 -23.75 24.08 0.50
C ASP A 490 -24.07 22.85 -0.34
N SER A 491 -25.35 22.44 -0.32
CA SER A 491 -25.73 21.22 -1.03
C SER A 491 -25.43 21.29 -2.53
N SER A 492 -25.33 22.49 -3.11
CA SER A 492 -25.13 22.62 -4.55
C SER A 492 -23.69 22.36 -4.99
N ASN A 493 -22.72 22.46 -4.08
CA ASN A 493 -21.32 22.35 -4.50
C ASN A 493 -20.48 21.50 -3.55
N HIS A 494 -21.10 20.82 -2.58
CA HIS A 494 -20.37 20.20 -1.49
C HIS A 494 -20.96 18.83 -1.15
N SER A 495 -20.09 17.86 -0.91
CA SER A 495 -20.53 16.54 -0.50
C SER A 495 -19.70 16.08 0.70
N SER A 496 -20.40 15.64 1.75
CA SER A 496 -19.76 15.16 2.97
C SER A 496 -19.14 13.79 2.76
N GLY A 497 -17.87 13.65 3.16
CA GLY A 497 -17.13 12.42 2.95
C GLY A 497 -16.89 11.54 4.17
N ASP A 498 -15.75 10.86 4.20
CA ASP A 498 -15.48 9.84 5.20
C ASP A 498 -14.68 10.39 6.37
N LEU A 499 -14.77 9.69 7.49
CA LEU A 499 -14.03 10.07 8.70
C LEU A 499 -12.54 10.18 8.41
N ASP A 500 -11.92 11.24 8.95
CA ASP A 500 -10.53 11.55 8.65
C ASP A 500 -9.59 10.45 9.14
N ILE A 501 -9.77 9.98 10.38
CA ILE A 501 -8.84 8.99 10.89
C ILE A 501 -8.99 7.66 10.16
N SER A 502 -10.18 7.36 9.63
CA SER A 502 -10.34 6.16 8.82
C SER A 502 -9.61 6.28 7.49
N ILE A 503 -9.73 7.45 6.85
CA ILE A 503 -9.00 7.69 5.60
C ILE A 503 -7.51 7.50 5.83
N VAL A 504 -6.97 8.15 6.86
CA VAL A 504 -5.54 8.05 7.11
C VAL A 504 -5.15 6.66 7.54
N GLY A 505 -5.93 6.05 8.44
CA GLY A 505 -5.58 4.72 8.92
C GLY A 505 -5.57 3.69 7.80
N ASN A 506 -6.58 3.71 6.93
CA ASN A 506 -6.63 2.73 5.83
C ASN A 506 -5.44 2.89 4.90
N TYR A 507 -5.04 4.13 4.59
CA TYR A 507 -3.87 4.34 3.75
C TYR A 507 -2.62 3.79 4.42
N ILE A 508 -2.44 4.07 5.71
CA ILE A 508 -1.29 3.55 6.42
C ILE A 508 -1.32 2.03 6.46
N LYS A 509 -2.51 1.45 6.65
CA LYS A 509 -2.62 0.00 6.65
C LYS A 509 -2.22 -0.57 5.31
N ARG A 510 -2.62 0.08 4.23
CA ARG A 510 -2.22 -0.34 2.90
C ARG A 510 -0.73 -0.14 2.67
N MET A 511 -0.20 1.03 3.03
CA MET A 511 1.21 1.29 2.77
C MET A 511 2.13 0.38 3.59
N GLY A 512 1.74 0.05 4.81
CA GLY A 512 2.59 -0.74 5.67
C GLY A 512 3.68 0.06 6.35
N LYS A 513 4.57 0.63 5.55
CA LYS A 513 5.58 1.58 6.00
C LYS A 513 5.33 2.90 5.29
N VAL A 514 5.35 4.01 6.02
CA VAL A 514 5.21 5.32 5.39
C VAL A 514 6.49 6.11 5.60
N PHE A 515 6.79 6.98 4.63
CA PHE A 515 8.01 7.77 4.71
C PHE A 515 7.87 9.08 3.92
N PRO A 516 6.85 9.89 4.19
CA PRO A 516 6.66 11.11 3.39
C PRO A 516 7.79 12.11 3.58
N ALA A 517 8.15 12.75 2.47
CA ALA A 517 9.17 13.77 2.44
C ALA A 517 8.52 15.14 2.33
N MET A 518 9.31 16.17 2.63
CA MET A 518 9.04 17.52 2.14
C MET A 518 9.56 17.61 0.72
N GLU A 519 8.68 17.78 -0.26
CA GLU A 519 9.11 17.64 -1.64
C GLU A 519 8.88 18.89 -2.49
N GLY A 520 8.56 20.02 -1.87
CA GLY A 520 8.34 21.22 -2.64
C GLY A 520 6.93 21.39 -3.17
N ARG A 521 5.93 20.77 -2.54
CA ARG A 521 4.56 21.02 -2.95
C ARG A 521 4.20 22.49 -2.76
N MET A 522 4.77 23.15 -1.76
CA MET A 522 4.68 24.59 -1.60
C MET A 522 6.09 25.15 -1.51
N VAL A 523 6.30 26.28 -2.17
CA VAL A 523 7.62 26.89 -2.26
C VAL A 523 7.50 28.35 -1.84
N PHE A 524 8.39 28.80 -0.96
CA PHE A 524 8.42 30.20 -0.55
C PHE A 524 9.57 30.87 -1.29
N SER A 525 9.25 31.64 -2.33
CA SER A 525 10.30 32.29 -3.11
C SER A 525 10.93 33.43 -2.30
N ALA A 526 12.25 33.55 -2.39
CA ALA A 526 12.95 34.66 -1.74
C ALA A 526 12.41 36.02 -2.22
N GLY B 1 47.80 -43.70 6.29
CA GLY B 1 46.52 -43.33 6.88
C GLY B 1 46.09 -41.92 6.50
N SER B 2 45.73 -41.75 5.23
CA SER B 2 45.25 -40.46 4.74
C SER B 2 43.77 -40.57 4.41
N PHE B 3 43.14 -39.40 4.24
CA PHE B 3 41.70 -39.32 4.04
C PHE B 3 41.39 -38.40 2.86
N LYS B 4 40.73 -38.95 1.86
CA LYS B 4 40.34 -38.23 0.64
C LYS B 4 38.89 -37.77 0.78
N LEU B 5 38.67 -36.45 0.73
CA LEU B 5 37.33 -35.89 0.84
C LEU B 5 36.96 -35.18 -0.47
N THR B 6 35.80 -35.53 -1.03
CA THR B 6 35.28 -34.87 -2.21
C THR B 6 34.22 -33.87 -1.80
N ILE B 7 34.47 -32.59 -2.07
CA ILE B 7 33.51 -31.54 -1.75
C ILE B 7 32.81 -31.08 -3.02
N LEU B 8 31.50 -31.25 -3.06
CA LEU B 8 30.63 -30.65 -4.07
C LEU B 8 29.97 -29.43 -3.46
N HIS B 9 29.89 -28.33 -4.24
CA HIS B 9 29.36 -27.11 -3.64
C HIS B 9 28.67 -26.22 -4.66
N THR B 10 27.62 -25.53 -4.20
CA THR B 10 26.92 -24.52 -4.98
C THR B 10 26.84 -23.25 -4.16
N ASN B 11 26.72 -22.12 -4.85
CA ASN B 11 26.51 -20.84 -4.17
C ASN B 11 25.76 -19.92 -5.11
N ASP B 12 24.96 -19.03 -4.53
CA ASP B 12 24.25 -18.01 -5.30
C ASP B 12 23.48 -18.63 -6.48
N VAL B 13 22.87 -19.79 -6.23
CA VAL B 13 22.02 -20.43 -7.22
C VAL B 13 20.91 -19.47 -7.64
N HIS B 14 20.38 -18.71 -6.68
CA HIS B 14 19.46 -17.59 -6.93
C HIS B 14 18.27 -17.99 -7.80
N ALA B 15 17.60 -19.04 -7.36
CA ALA B 15 16.29 -19.46 -7.86
C ALA B 15 16.30 -19.90 -9.33
N ARG B 16 17.46 -20.29 -9.86
CA ARG B 16 17.52 -20.89 -11.19
C ARG B 16 17.15 -22.37 -11.06
N LEU B 17 15.85 -22.63 -10.97
CA LEU B 17 15.37 -23.99 -10.81
C LEU B 17 15.40 -24.73 -12.13
N GLU B 18 14.81 -24.14 -13.17
CA GLU B 18 14.84 -24.71 -14.50
C GLU B 18 16.20 -24.44 -15.14
N GLN B 19 16.54 -25.27 -16.13
CA GLN B 19 17.75 -25.00 -16.90
C GLN B 19 17.66 -23.62 -17.54
N THR B 20 18.83 -23.03 -17.78
CA THR B 20 18.94 -21.65 -18.17
C THR B 20 19.71 -21.50 -19.48
N SER B 21 19.67 -20.30 -20.03
CA SER B 21 20.57 -19.96 -21.11
C SER B 21 22.00 -19.86 -20.57
N ARG B 22 22.94 -19.67 -21.50
CA ARG B 22 24.35 -19.52 -21.14
C ARG B 22 24.57 -18.35 -20.19
N ASP B 23 23.78 -17.28 -20.35
CA ASP B 23 23.83 -16.13 -19.46
C ASP B 23 22.90 -16.29 -18.27
N SER B 24 22.50 -17.53 -17.96
CA SER B 24 21.58 -17.81 -16.86
C SER B 24 20.27 -17.03 -16.96
N GLY B 25 19.81 -16.76 -18.17
CA GLY B 25 18.46 -16.30 -18.41
C GLY B 25 17.53 -17.48 -18.68
N LYS B 26 16.39 -17.19 -19.27
CA LYS B 26 15.44 -18.26 -19.61
C LYS B 26 15.98 -18.99 -20.84
N CYS B 27 15.97 -20.32 -20.81
CA CYS B 27 16.56 -21.03 -21.95
C CYS B 27 15.54 -21.12 -23.07
N SER B 28 15.71 -20.27 -24.08
CA SER B 28 14.91 -20.35 -25.28
C SER B 28 15.60 -21.17 -26.38
N GLY B 29 16.88 -21.45 -26.24
CA GLY B 29 17.67 -22.06 -27.28
C GLY B 29 17.90 -23.55 -27.09
N GLU B 30 18.78 -24.07 -27.95
CA GLU B 30 19.07 -25.49 -28.00
C GLU B 30 19.98 -25.94 -26.85
N ASP B 31 21.04 -25.18 -26.57
CA ASP B 31 22.03 -25.54 -25.57
C ASP B 31 21.74 -24.79 -24.26
N CYS B 32 21.30 -25.52 -23.26
CA CYS B 32 20.87 -24.97 -21.98
C CYS B 32 21.84 -25.41 -20.90
N TYR B 33 21.67 -24.84 -19.70
CA TYR B 33 22.69 -24.99 -18.68
C TYR B 33 22.03 -25.06 -17.32
N GLY B 34 22.71 -25.73 -16.39
CA GLY B 34 22.29 -25.69 -15.02
C GLY B 34 20.93 -26.33 -14.85
N GLY B 35 20.16 -25.80 -13.90
CA GLY B 35 18.92 -26.41 -13.46
C GLY B 35 19.13 -27.49 -12.42
N VAL B 36 18.14 -27.72 -11.54
CA VAL B 36 18.31 -28.71 -10.48
C VAL B 36 18.36 -30.12 -11.04
N ALA B 37 17.63 -30.38 -12.12
CA ALA B 37 17.61 -31.74 -12.67
C ALA B 37 19.00 -32.16 -13.13
N ARG B 38 19.69 -31.26 -13.82
CA ARG B 38 21.05 -31.57 -14.25
C ARG B 38 22.00 -31.68 -13.07
N ARG B 39 21.83 -30.79 -12.07
CA ARG B 39 22.67 -30.88 -10.89
C ARG B 39 22.45 -32.20 -10.16
N ALA B 40 21.20 -32.64 -10.04
CA ALA B 40 20.91 -33.91 -9.37
C ALA B 40 21.62 -35.09 -10.04
N THR B 41 21.67 -35.09 -11.38
CA THR B 41 22.35 -36.18 -12.09
C THR B 41 23.84 -36.21 -11.76
N LYS B 42 24.51 -35.06 -11.86
CA LYS B 42 25.95 -35.04 -11.62
C LYS B 42 26.28 -35.39 -10.17
N ILE B 43 25.46 -34.91 -9.22
CA ILE B 43 25.69 -35.26 -7.82
C ILE B 43 25.55 -36.76 -7.60
N ARG B 44 24.53 -37.37 -8.20
CA ARG B 44 24.30 -38.81 -8.05
C ARG B 44 25.44 -39.62 -8.65
N GLN B 45 25.89 -39.25 -9.86
CA GLN B 45 27.00 -39.98 -10.47
C GLN B 45 28.26 -39.91 -9.63
N ILE B 46 28.55 -38.73 -9.08
CA ILE B 46 29.74 -38.56 -8.25
C ILE B 46 29.60 -39.35 -6.95
N ARG B 47 28.41 -39.36 -6.35
CA ARG B 47 28.22 -40.13 -5.12
C ARG B 47 28.37 -41.63 -5.38
N ALA B 48 27.99 -42.09 -6.57
CA ALA B 48 28.07 -43.51 -6.88
C ALA B 48 29.50 -43.96 -7.16
N SER B 49 30.41 -43.04 -7.52
CA SER B 49 31.77 -43.40 -7.91
C SER B 49 32.82 -42.87 -6.96
N HIS B 50 32.47 -41.97 -6.04
CA HIS B 50 33.41 -41.41 -5.07
C HIS B 50 33.04 -41.90 -3.67
N ARG B 51 34.05 -42.20 -2.86
CA ARG B 51 33.78 -42.78 -1.55
C ARG B 51 33.21 -41.76 -0.57
N ASN B 52 33.94 -40.67 -0.32
CA ASN B 52 33.57 -39.70 0.72
C ASN B 52 33.16 -38.38 0.08
N VAL B 53 31.87 -38.09 0.05
CA VAL B 53 31.35 -36.91 -0.64
C VAL B 53 30.54 -36.07 0.33
N LEU B 54 30.84 -34.76 0.35
CA LEU B 54 30.07 -33.75 1.05
C LEU B 54 29.47 -32.81 0.01
N LEU B 55 28.20 -32.47 0.19
CA LEU B 55 27.47 -31.55 -0.68
C LEU B 55 27.08 -30.33 0.15
N LEU B 56 27.66 -29.18 -0.18
CA LEU B 56 27.51 -27.96 0.60
C LEU B 56 26.93 -26.85 -0.25
N ASP B 57 26.14 -25.98 0.36
CA ASP B 57 25.67 -24.76 -0.29
C ASP B 57 26.10 -23.57 0.54
N ALA B 58 26.68 -22.56 -0.13
CA ALA B 58 27.22 -21.38 0.51
C ALA B 58 26.26 -20.18 0.45
N GLY B 59 24.96 -20.42 0.29
CA GLY B 59 23.95 -19.41 0.52
C GLY B 59 23.43 -18.78 -0.77
N ASP B 60 22.37 -17.96 -0.59
CA ASP B 60 21.72 -17.21 -1.68
C ASP B 60 21.07 -18.14 -2.68
N GLN B 61 20.35 -19.14 -2.15
CA GLN B 61 19.36 -19.88 -2.93
C GLN B 61 18.11 -19.04 -3.15
N TYR B 62 17.75 -18.20 -2.18
CA TYR B 62 16.61 -17.30 -2.30
C TYR B 62 16.87 -16.26 -3.40
N GLN B 63 15.77 -15.81 -4.05
CA GLN B 63 15.72 -14.62 -4.90
C GLN B 63 16.37 -14.80 -6.27
N GLY B 64 15.68 -14.38 -7.33
CA GLY B 64 16.31 -14.41 -8.64
C GLY B 64 15.36 -14.60 -9.82
N THR B 65 14.30 -15.39 -9.62
CA THR B 65 13.29 -15.62 -10.64
C THR B 65 11.92 -15.67 -9.98
N ILE B 66 10.88 -15.68 -10.81
CA ILE B 66 9.54 -15.80 -10.29
C ILE B 66 9.31 -17.13 -9.55
N TRP B 67 10.19 -18.11 -9.73
CA TRP B 67 10.10 -19.34 -8.94
C TRP B 67 10.15 -19.03 -7.45
N PHE B 68 11.08 -18.15 -7.05
CA PHE B 68 11.15 -17.77 -5.64
C PHE B 68 9.99 -16.88 -5.23
N ASN B 69 9.51 -16.01 -6.12
CA ASN B 69 8.41 -15.13 -5.76
C ASN B 69 7.12 -15.90 -5.53
N TYR B 70 6.92 -17.01 -6.24
CA TYR B 70 5.72 -17.80 -6.07
C TYR B 70 5.86 -18.86 -4.96
N PHE B 71 6.92 -19.68 -5.01
CA PHE B 71 7.04 -20.75 -4.03
C PHE B 71 7.68 -20.29 -2.73
N LYS B 72 8.35 -19.14 -2.73
CA LYS B 72 8.82 -18.48 -1.50
C LYS B 72 9.74 -19.39 -0.67
N GLY B 73 10.61 -20.13 -1.34
CA GLY B 73 11.59 -20.97 -0.67
C GLY B 73 11.19 -22.42 -0.55
N ARG B 74 9.90 -22.73 -0.71
CA ARG B 74 9.48 -24.12 -0.73
C ARG B 74 10.17 -24.88 -1.85
N GLU B 75 10.47 -24.20 -2.96
CA GLU B 75 11.23 -24.83 -4.03
C GLU B 75 12.67 -25.08 -3.60
N VAL B 76 13.21 -24.24 -2.72
CA VAL B 76 14.56 -24.48 -2.22
C VAL B 76 14.57 -25.68 -1.28
N VAL B 77 13.62 -25.68 -0.34
CA VAL B 77 13.46 -26.81 0.58
C VAL B 77 13.34 -28.12 -0.19
N HIS B 78 12.41 -28.14 -1.15
CA HIS B 78 12.09 -29.39 -1.84
C HIS B 78 13.31 -30.01 -2.50
N PHE B 79 14.03 -29.23 -3.30
CA PHE B 79 15.11 -29.82 -4.09
C PHE B 79 16.41 -29.95 -3.31
N MET B 80 16.69 -29.07 -2.35
CA MET B 80 17.89 -29.27 -1.53
C MET B 80 17.76 -30.53 -0.68
N ASN B 81 16.56 -30.81 -0.17
CA ASN B 81 16.31 -32.08 0.51
C ASN B 81 16.43 -33.24 -0.47
N SER B 82 15.81 -33.11 -1.64
CA SER B 82 15.85 -34.18 -2.64
C SER B 82 17.29 -34.46 -3.07
N LEU B 83 18.10 -33.42 -3.23
CA LEU B 83 19.50 -33.61 -3.59
C LEU B 83 20.36 -34.01 -2.40
N ARG B 84 19.81 -33.94 -1.18
CA ARG B 84 20.49 -34.35 0.05
C ARG B 84 21.76 -33.53 0.28
N TYR B 85 21.57 -32.21 0.33
CA TYR B 85 22.64 -31.34 0.77
C TYR B 85 23.05 -31.71 2.20
N ASP B 86 24.35 -31.62 2.48
CA ASP B 86 24.81 -31.97 3.82
C ASP B 86 24.78 -30.78 4.78
N ALA B 87 24.89 -29.56 4.27
CA ALA B 87 24.85 -28.36 5.10
C ALA B 87 24.68 -27.14 4.19
N MET B 88 24.13 -26.07 4.76
CA MET B 88 23.98 -24.84 4.01
C MET B 88 24.31 -23.67 4.91
N ALA B 89 25.06 -22.72 4.37
CA ALA B 89 25.30 -21.47 5.08
C ALA B 89 24.34 -20.42 4.56
N LEU B 90 23.88 -19.55 5.46
CA LEU B 90 22.91 -18.53 5.11
C LEU B 90 23.56 -17.41 4.29
N GLY B 91 22.87 -17.00 3.23
CA GLY B 91 23.29 -15.87 2.44
C GLY B 91 22.45 -14.66 2.76
N ASN B 92 22.85 -13.51 2.19
CA ASN B 92 22.09 -12.30 2.47
C ASN B 92 20.64 -12.42 2.00
N HIS B 93 20.43 -13.05 0.83
CA HIS B 93 19.07 -13.11 0.29
C HIS B 93 18.19 -14.10 1.03
N GLU B 94 18.75 -14.98 1.85
CA GLU B 94 17.87 -15.82 2.67
C GLU B 94 17.07 -15.01 3.67
N PHE B 95 17.37 -13.70 3.83
CA PHE B 95 16.58 -12.84 4.69
C PHE B 95 15.63 -11.93 3.90
N ASP B 96 15.46 -12.18 2.60
CA ASP B 96 14.69 -11.24 1.78
C ASP B 96 13.24 -11.13 2.23
N ASN B 97 12.64 -12.23 2.71
CA ASN B 97 11.29 -12.21 3.24
C ASN B 97 11.29 -12.15 4.77
N GLY B 98 12.27 -11.48 5.36
CA GLY B 98 12.32 -11.33 6.79
C GLY B 98 12.62 -12.64 7.51
N LEU B 99 12.53 -12.56 8.84
CA LEU B 99 12.83 -13.73 9.64
C LEU B 99 11.71 -14.76 9.57
N ASN B 100 10.47 -14.31 9.37
CA ASN B 100 9.39 -15.28 9.21
C ASN B 100 9.50 -16.00 7.87
N GLY B 101 9.93 -15.30 6.82
CA GLY B 101 10.13 -15.96 5.54
C GLY B 101 11.33 -16.88 5.49
N LEU B 102 12.22 -16.80 6.47
CA LEU B 102 13.35 -17.71 6.63
C LEU B 102 12.96 -18.93 7.45
N LEU B 103 12.35 -18.71 8.61
CA LEU B 103 11.79 -19.80 9.40
C LEU B 103 10.85 -20.67 8.56
N ASP B 104 9.87 -20.04 7.93
CA ASP B 104 8.91 -20.71 7.09
C ASP B 104 9.14 -20.27 5.65
N PRO B 105 9.58 -21.16 4.75
CA PRO B 105 9.65 -22.61 4.99
C PRO B 105 11.02 -23.21 5.30
N LEU B 106 12.11 -22.46 5.19
CA LEU B 106 13.44 -23.06 5.11
C LEU B 106 13.85 -23.73 6.42
N LEU B 107 13.89 -22.97 7.51
CA LEU B 107 14.41 -23.51 8.77
C LEU B 107 13.55 -24.66 9.26
N LYS B 108 12.25 -24.63 8.97
CA LYS B 108 11.33 -25.62 9.53
C LYS B 108 11.32 -26.93 8.77
N ASN B 109 11.88 -26.97 7.55
CA ASN B 109 11.66 -28.11 6.68
C ASN B 109 12.90 -28.68 6.00
N VAL B 110 14.06 -28.03 6.11
CA VAL B 110 15.26 -28.65 5.57
C VAL B 110 15.62 -29.86 6.42
N LYS B 111 16.23 -30.85 5.78
CA LYS B 111 16.71 -32.05 6.45
C LYS B 111 18.21 -32.00 6.70
N PHE B 112 18.79 -30.82 6.70
CA PHE B 112 20.22 -30.63 6.89
C PHE B 112 20.45 -29.38 7.71
N PRO B 113 21.59 -29.29 8.39
CA PRO B 113 21.83 -28.13 9.26
C PRO B 113 22.03 -26.85 8.46
N ILE B 114 21.57 -25.75 9.05
CA ILE B 114 21.73 -24.40 8.51
C ILE B 114 22.74 -23.68 9.40
N LEU B 115 23.80 -23.17 8.80
CA LEU B 115 24.95 -22.72 9.57
C LEU B 115 25.17 -21.23 9.39
N SER B 116 25.44 -20.55 10.50
CA SER B 116 25.91 -19.18 10.48
C SER B 116 26.44 -18.79 11.86
N ALA B 117 27.76 -18.75 12.02
CA ALA B 117 28.37 -18.55 13.33
C ALA B 117 28.39 -17.09 13.76
N ASN B 118 28.34 -16.13 12.83
CA ASN B 118 28.54 -14.73 13.18
C ASN B 118 27.24 -13.94 13.34
N ILE B 119 26.14 -14.67 13.58
CA ILE B 119 24.82 -14.04 13.87
C ILE B 119 24.50 -14.11 15.37
N ARG B 120 24.22 -12.98 16.01
CA ARG B 120 23.84 -12.83 17.40
C ARG B 120 22.42 -12.28 17.49
N PRO B 121 21.48 -13.01 18.07
CA PRO B 121 20.13 -12.46 18.24
C PRO B 121 20.02 -11.51 19.42
N LYS B 122 19.05 -10.60 19.32
CA LYS B 122 18.77 -9.62 20.36
C LYS B 122 17.29 -9.44 20.67
N GLY B 123 16.39 -10.06 19.92
CA GLY B 123 14.98 -9.99 20.20
C GLY B 123 14.33 -11.36 20.25
N PRO B 124 13.11 -11.43 20.80
CA PRO B 124 12.47 -12.75 20.97
C PRO B 124 12.22 -13.49 19.67
N ILE B 125 11.83 -12.79 18.62
CA ILE B 125 11.59 -13.46 17.34
C ILE B 125 12.91 -13.90 16.71
N ALA B 126 13.93 -13.04 16.83
CA ALA B 126 15.25 -13.37 16.30
C ALA B 126 15.86 -14.56 17.03
N SER B 127 15.68 -14.62 18.36
CA SER B 127 16.23 -15.75 19.10
C SER B 127 15.46 -17.04 18.82
N LYS B 128 14.17 -16.94 18.53
CA LYS B 128 13.44 -18.10 18.03
C LYS B 128 14.10 -18.64 16.77
N ILE B 129 14.40 -17.75 15.82
CA ILE B 129 15.01 -18.16 14.56
C ILE B 129 16.38 -18.79 14.80
N SER B 130 17.21 -18.13 15.61
CA SER B 130 18.57 -18.62 15.84
C SER B 130 18.61 -19.97 16.53
N GLY B 131 17.55 -20.32 17.30
CA GLY B 131 17.47 -21.67 17.85
C GLY B 131 17.55 -22.76 16.79
N TYR B 132 17.17 -22.42 15.55
CA TYR B 132 17.21 -23.33 14.40
C TYR B 132 18.57 -23.35 13.70
N ILE B 133 19.39 -22.32 13.88
CA ILE B 133 20.64 -22.13 13.14
C ILE B 133 21.83 -22.46 14.04
N LEU B 134 22.74 -23.29 13.55
CA LEU B 134 23.90 -23.59 14.38
C LEU B 134 25.12 -22.80 13.93
N PRO B 135 26.07 -22.51 14.82
CA PRO B 135 27.33 -21.91 14.35
C PRO B 135 28.17 -22.88 13.57
N TYR B 136 28.12 -24.18 13.89
CA TYR B 136 28.86 -25.19 13.17
C TYR B 136 28.15 -26.53 13.35
N LYS B 137 28.57 -27.51 12.56
CA LYS B 137 28.10 -28.88 12.70
C LYS B 137 29.24 -29.83 12.39
N ILE B 138 29.37 -30.88 13.21
CA ILE B 138 30.28 -31.97 12.93
C ILE B 138 29.55 -33.03 12.11
N ILE B 139 30.12 -33.39 10.98
CA ILE B 139 29.48 -34.35 10.07
C ILE B 139 30.37 -35.58 9.97
N ASN B 140 29.78 -36.75 10.16
CA ASN B 140 30.50 -38.01 9.99
C ASN B 140 30.62 -38.33 8.50
N VAL B 141 31.84 -38.50 8.01
CA VAL B 141 32.10 -38.84 6.62
C VAL B 141 33.01 -40.07 6.64
N GLY B 142 32.46 -41.21 6.26
CA GLY B 142 33.19 -42.46 6.43
C GLY B 142 33.51 -42.66 7.88
N SER B 143 34.74 -43.03 8.17
CA SER B 143 35.21 -43.18 9.53
C SER B 143 35.69 -41.88 10.15
N GLU B 144 35.58 -40.75 9.43
CA GLU B 144 36.19 -39.50 9.85
C GLU B 144 35.12 -38.47 10.20
N LYS B 145 35.55 -37.44 10.93
CA LYS B 145 34.69 -36.34 11.36
C LYS B 145 35.14 -35.05 10.68
N VAL B 146 34.20 -34.34 10.06
CA VAL B 146 34.49 -33.06 9.42
C VAL B 146 33.63 -31.99 10.06
N GLY B 147 34.27 -30.96 10.61
CA GLY B 147 33.56 -29.83 11.17
C GLY B 147 33.36 -28.76 10.11
N ILE B 148 32.15 -28.19 10.10
CA ILE B 148 31.76 -27.16 9.14
C ILE B 148 31.22 -25.97 9.90
N ILE B 149 31.86 -24.81 9.73
CA ILE B 149 31.47 -23.58 10.41
C ILE B 149 30.87 -22.64 9.37
N GLY B 150 29.69 -22.09 9.68
CA GLY B 150 29.05 -21.18 8.78
C GLY B 150 29.35 -19.71 9.08
N TYR B 151 29.16 -18.88 8.06
CA TYR B 151 29.25 -17.43 8.24
C TYR B 151 28.44 -16.75 7.14
N THR B 152 28.04 -15.51 7.42
CA THR B 152 27.15 -14.72 6.56
C THR B 152 27.63 -13.29 6.54
N THR B 153 27.56 -12.65 5.37
CA THR B 153 28.11 -11.32 5.20
C THR B 153 27.53 -10.33 6.21
N LYS B 154 28.39 -9.46 6.74
CA LYS B 154 27.97 -8.42 7.68
C LYS B 154 27.08 -7.39 7.03
N GLU B 155 26.99 -7.36 5.71
CA GLU B 155 26.15 -6.38 5.03
C GLU B 155 24.69 -6.83 4.89
N THR B 156 24.35 -8.01 5.41
CA THR B 156 22.96 -8.45 5.33
C THR B 156 21.96 -7.40 5.85
N PRO B 157 22.22 -6.67 6.96
CA PRO B 157 21.26 -5.63 7.36
C PRO B 157 20.98 -4.58 6.30
N VAL B 158 21.95 -4.23 5.47
CA VAL B 158 21.70 -3.22 4.44
C VAL B 158 21.20 -3.85 3.15
N LEU B 159 21.52 -5.11 2.90
CA LEU B 159 21.13 -5.75 1.65
C LEU B 159 19.78 -6.44 1.74
N SER B 160 19.33 -6.81 2.93
CA SER B 160 18.16 -7.65 3.02
C SER B 160 17.38 -7.24 4.26
N ASN B 161 16.49 -8.12 4.72
CA ASN B 161 15.54 -7.78 5.79
C ASN B 161 15.66 -8.67 7.03
N PRO B 162 16.84 -8.77 7.64
CA PRO B 162 16.94 -9.56 8.87
C PRO B 162 16.23 -8.92 10.06
N GLY B 163 15.86 -7.64 9.95
CA GLY B 163 15.21 -6.96 11.05
C GLY B 163 16.23 -6.34 11.99
N PRO B 164 15.75 -5.55 12.95
CA PRO B 164 16.67 -4.81 13.82
C PRO B 164 17.27 -5.64 14.94
N TYR B 165 16.71 -6.82 15.24
CA TYR B 165 17.13 -7.61 16.39
C TYR B 165 18.07 -8.75 16.01
N LEU B 166 18.70 -8.68 14.85
CA LEU B 166 19.68 -9.68 14.43
C LEU B 166 20.98 -8.98 14.10
N GLU B 167 22.03 -9.35 14.80
CA GLU B 167 23.35 -8.72 14.67
C GLU B 167 24.30 -9.64 13.91
N PHE B 168 25.07 -9.07 12.98
CA PHE B 168 26.04 -9.81 12.16
C PHE B 168 27.46 -9.40 12.57
N ARG B 169 28.20 -10.33 13.19
CA ARG B 169 29.50 -10.03 13.77
C ARG B 169 30.64 -10.30 12.79
N ASP B 170 31.84 -9.92 13.20
CA ASP B 170 33.00 -10.14 12.37
C ASP B 170 33.25 -11.64 12.16
N GLU B 171 33.46 -12.01 10.89
CA GLU B 171 33.58 -13.42 10.55
C GLU B 171 34.83 -14.05 11.17
N VAL B 172 35.97 -13.37 11.07
CA VAL B 172 37.20 -13.98 11.57
C VAL B 172 37.13 -14.16 13.09
N GLU B 173 36.60 -13.17 13.81
CA GLU B 173 36.53 -13.28 15.27
C GLU B 173 35.63 -14.43 15.70
N GLU B 174 34.46 -14.57 15.08
CA GLU B 174 33.55 -15.64 15.48
C GLU B 174 34.05 -17.01 15.03
N LEU B 175 34.63 -17.11 13.83
CA LEU B 175 35.06 -18.41 13.32
C LEU B 175 36.19 -18.99 14.16
N GLN B 176 37.10 -18.13 14.64
CA GLN B 176 38.22 -18.62 15.44
C GLN B 176 37.72 -19.26 16.73
N LYS B 177 36.66 -18.71 17.32
CA LYS B 177 36.10 -19.28 18.54
C LYS B 177 35.59 -20.69 18.31
N HIS B 178 34.94 -20.91 17.16
CA HIS B 178 34.36 -22.24 16.94
C HIS B 178 35.39 -23.20 16.39
N ALA B 179 36.37 -22.68 15.65
CA ALA B 179 37.51 -23.52 15.26
C ALA B 179 38.23 -24.05 16.49
N ASP B 180 38.51 -23.17 17.46
CA ASP B 180 39.17 -23.58 18.69
C ASP B 180 38.33 -24.60 19.44
N LYS B 181 37.01 -24.41 19.46
CA LYS B 181 36.13 -25.37 20.11
C LYS B 181 36.17 -26.72 19.38
N LEU B 182 36.08 -26.69 18.05
CA LEU B 182 36.17 -27.95 17.29
C LEU B 182 37.49 -28.65 17.57
N THR B 183 38.59 -27.90 17.68
CA THR B 183 39.88 -28.54 17.91
C THR B 183 39.89 -29.33 19.22
N THR B 184 39.38 -28.69 20.28
CA THR B 184 39.29 -29.33 21.63
C THR B 184 38.32 -30.53 21.61
N LEU B 185 37.30 -30.49 20.76
CA LEU B 185 36.42 -31.64 20.66
C LEU B 185 37.05 -32.77 19.85
N GLY B 186 38.28 -32.61 19.37
CA GLY B 186 38.95 -33.67 18.66
C GLY B 186 38.70 -33.71 17.16
N VAL B 187 38.16 -32.64 16.58
CA VAL B 187 37.88 -32.58 15.15
C VAL B 187 39.03 -31.83 14.51
N ASN B 188 39.79 -32.52 13.66
CA ASN B 188 40.98 -31.91 13.08
C ASN B 188 40.81 -31.56 11.61
N LYS B 189 39.60 -31.70 11.06
CA LYS B 189 39.30 -31.31 9.70
C LYS B 189 38.15 -30.32 9.73
N ILE B 190 38.41 -29.09 9.29
CA ILE B 190 37.48 -27.98 9.48
C ILE B 190 37.28 -27.25 8.17
N ILE B 191 36.03 -27.12 7.77
CA ILE B 191 35.67 -26.37 6.53
C ILE B 191 34.88 -25.13 6.91
N ALA B 192 35.29 -23.98 6.42
CA ALA B 192 34.53 -22.74 6.63
C ALA B 192 33.62 -22.58 5.41
N LEU B 193 32.31 -22.59 5.63
CA LEU B 193 31.29 -22.48 4.55
C LEU B 193 30.53 -21.20 4.82
N GLY B 194 30.49 -20.30 3.85
CA GLY B 194 29.88 -19.00 4.14
C GLY B 194 29.61 -18.09 2.97
N HIS B 195 28.93 -16.98 3.25
CA HIS B 195 28.50 -16.07 2.19
C HIS B 195 28.97 -14.65 2.50
N SER B 196 30.26 -14.39 2.29
CA SER B 196 30.77 -13.05 2.53
C SER B 196 31.64 -12.51 1.40
N GLY B 197 31.88 -13.29 0.34
CA GLY B 197 32.67 -12.80 -0.77
C GLY B 197 34.08 -13.35 -0.77
N PHE B 198 34.68 -13.36 -1.96
CA PHE B 198 36.00 -13.97 -2.16
C PHE B 198 37.05 -13.33 -1.26
N MET B 199 37.02 -12.00 -1.13
CA MET B 199 38.06 -11.34 -0.34
C MET B 199 37.94 -11.72 1.14
N GLU B 200 36.71 -11.80 1.64
CA GLU B 200 36.54 -12.25 3.02
C GLU B 200 36.87 -13.73 3.16
N ASP B 201 36.54 -14.53 2.14
CA ASP B 201 36.93 -15.94 2.17
C ASP B 201 38.44 -16.08 2.33
N CYS B 202 39.20 -15.27 1.59
CA CYS B 202 40.66 -15.35 1.67
C CYS B 202 41.15 -14.88 3.03
N ARG B 203 40.52 -13.86 3.60
CA ARG B 203 40.90 -13.40 4.94
C ARG B 203 40.66 -14.49 5.98
N ILE B 204 39.52 -15.18 5.87
CA ILE B 204 39.26 -16.31 6.76
C ILE B 204 40.33 -17.37 6.59
N ALA B 205 40.60 -17.74 5.33
CA ALA B 205 41.64 -18.74 5.08
C ALA B 205 42.96 -18.32 5.68
N GLN B 206 43.24 -17.02 5.66
CA GLN B 206 44.53 -16.55 6.16
C GLN B 206 44.57 -16.50 7.68
N LYS B 207 43.49 -16.07 8.33
CA LYS B 207 43.57 -15.64 9.72
C LYS B 207 43.05 -16.67 10.72
N VAL B 208 42.14 -17.55 10.33
CA VAL B 208 41.49 -18.44 11.29
C VAL B 208 42.33 -19.72 11.38
N LYS B 209 43.08 -19.84 12.46
CA LYS B 209 43.88 -21.03 12.67
C LYS B 209 42.96 -22.24 12.82
N GLY B 210 43.31 -23.33 12.13
CA GLY B 210 42.53 -24.53 12.16
C GLY B 210 41.57 -24.71 10.99
N VAL B 211 41.30 -23.66 10.22
CA VAL B 211 40.46 -23.80 9.04
C VAL B 211 41.31 -24.42 7.93
N ASP B 212 40.81 -25.52 7.35
CA ASP B 212 41.53 -26.24 6.30
C ASP B 212 41.06 -25.89 4.90
N VAL B 213 39.77 -25.60 4.74
CA VAL B 213 39.16 -25.35 3.43
C VAL B 213 38.13 -24.24 3.60
N VAL B 214 38.03 -23.36 2.62
CA VAL B 214 37.01 -22.31 2.62
C VAL B 214 36.14 -22.48 1.38
N VAL B 215 34.82 -22.52 1.58
CA VAL B 215 33.81 -22.64 0.54
C VAL B 215 32.90 -21.42 0.62
N GLY B 216 32.97 -20.54 -0.35
CA GLY B 216 32.29 -19.27 -0.22
C GLY B 216 31.29 -18.96 -1.32
N GLY B 217 30.81 -17.71 -1.33
CA GLY B 217 29.85 -17.23 -2.30
C GLY B 217 29.77 -15.70 -2.27
N HIS B 218 28.58 -15.18 -2.56
CA HIS B 218 28.22 -13.77 -2.49
C HIS B 218 28.77 -12.94 -3.64
N THR B 219 30.01 -13.20 -4.06
CA THR B 219 30.63 -12.44 -5.13
C THR B 219 30.52 -13.13 -6.48
N ASN B 220 29.83 -14.27 -6.57
CA ASN B 220 29.69 -14.99 -7.83
C ASN B 220 31.06 -15.32 -8.44
N THR B 221 32.06 -15.57 -7.60
CA THR B 221 33.42 -15.71 -8.09
C THR B 221 33.59 -17.01 -8.87
N PHE B 222 34.20 -16.93 -10.05
CA PHE B 222 34.49 -18.10 -10.87
C PHE B 222 35.99 -18.36 -10.88
N LEU B 223 36.38 -19.50 -10.35
CA LEU B 223 37.77 -19.95 -10.34
C LEU B 223 37.88 -21.18 -11.20
N TYR B 224 38.98 -21.29 -11.94
CA TYR B 224 39.19 -22.43 -12.82
C TYR B 224 40.70 -22.61 -13.05
N THR B 225 41.13 -23.87 -13.08
CA THR B 225 42.50 -24.22 -13.41
C THR B 225 42.54 -24.73 -14.84
N GLY B 226 43.35 -24.09 -15.68
CA GLY B 226 43.33 -24.40 -17.10
C GLY B 226 42.37 -23.51 -17.84
N SER B 227 42.05 -23.93 -19.06
CA SER B 227 41.16 -23.14 -19.89
C SER B 227 39.71 -23.41 -19.52
N PRO B 228 38.92 -22.37 -19.23
CA PRO B 228 37.56 -22.60 -18.74
C PRO B 228 36.66 -23.14 -19.84
N PRO B 229 35.60 -23.86 -19.47
CA PRO B 229 34.76 -24.52 -20.48
C PRO B 229 33.67 -23.66 -21.10
N SER B 230 33.35 -22.50 -20.54
CA SER B 230 32.29 -21.67 -21.11
C SER B 230 32.77 -20.24 -21.22
N ASN B 231 31.86 -19.27 -21.13
CA ASN B 231 32.21 -17.88 -21.37
C ASN B 231 32.55 -17.10 -20.10
N GLU B 232 32.45 -17.71 -18.91
CA GLU B 232 32.91 -17.07 -17.69
C GLU B 232 34.43 -17.01 -17.68
N VAL B 233 34.96 -15.88 -17.19
CA VAL B 233 36.39 -15.65 -17.10
C VAL B 233 36.85 -15.92 -15.67
N ALA B 234 37.90 -16.74 -15.53
CA ALA B 234 38.39 -17.15 -14.22
C ALA B 234 39.18 -16.02 -13.56
N ALA B 235 38.88 -15.75 -12.30
CA ALA B 235 39.66 -14.81 -11.51
C ALA B 235 40.87 -15.46 -10.86
N GLY B 236 41.01 -16.77 -10.94
CA GLY B 236 42.16 -17.44 -10.36
C GLY B 236 42.02 -18.93 -10.55
N ASN B 237 43.03 -19.64 -10.06
CA ASN B 237 43.01 -21.10 -10.13
C ASN B 237 41.91 -21.67 -9.23
N TYR B 238 41.49 -22.89 -9.54
CA TYR B 238 40.57 -23.63 -8.70
C TYR B 238 41.29 -24.88 -8.18
N PRO B 239 41.48 -25.03 -6.86
CA PRO B 239 41.11 -24.04 -5.84
C PRO B 239 42.10 -22.90 -5.82
N PHE B 240 41.70 -21.77 -5.22
CA PHE B 240 42.65 -20.70 -4.98
C PHE B 240 43.41 -21.04 -3.71
N MET B 241 44.74 -21.13 -3.81
CA MET B 241 45.57 -21.58 -2.69
C MET B 241 46.00 -20.36 -1.89
N GLN B 242 45.31 -20.11 -0.79
CA GLN B 242 45.64 -18.99 0.07
C GLN B 242 46.64 -19.43 1.12
N LEU B 243 47.77 -18.73 1.18
CA LEU B 243 48.77 -18.96 2.22
C LEU B 243 48.24 -18.48 3.55
N SER B 244 48.16 -19.36 4.53
CA SER B 244 47.68 -19.01 5.85
C SER B 244 48.74 -18.26 6.65
N ASP B 245 48.31 -17.68 7.76
CA ASP B 245 49.28 -17.14 8.70
C ASP B 245 50.17 -18.23 9.25
N ASP B 246 49.68 -19.47 9.29
CA ASP B 246 50.39 -20.65 9.78
C ASP B 246 51.36 -21.24 8.77
N GLY B 247 51.48 -20.66 7.59
CA GLY B 247 52.39 -21.17 6.59
C GLY B 247 51.89 -22.37 5.81
N ARG B 248 50.59 -22.62 5.79
CA ARG B 248 49.99 -23.67 4.98
C ARG B 248 49.12 -23.07 3.88
N GLN B 249 48.96 -23.86 2.82
CA GLN B 249 48.04 -23.52 1.74
C GLN B 249 46.62 -23.95 2.12
N VAL B 250 45.69 -22.99 2.11
CA VAL B 250 44.29 -23.24 2.43
C VAL B 250 43.49 -23.11 1.13
N PRO B 251 42.88 -24.18 0.63
CA PRO B 251 42.07 -24.07 -0.59
C PRO B 251 40.83 -23.23 -0.37
N VAL B 252 40.62 -22.26 -1.26
CA VAL B 252 39.45 -21.40 -1.25
C VAL B 252 38.71 -21.62 -2.56
N VAL B 253 37.41 -21.90 -2.47
CA VAL B 253 36.63 -22.18 -3.67
C VAL B 253 35.33 -21.39 -3.65
N GLN B 254 34.88 -21.04 -4.85
CA GLN B 254 33.52 -20.61 -5.14
C GLN B 254 33.18 -21.25 -6.48
N ALA B 255 31.90 -21.24 -6.85
CA ALA B 255 31.47 -21.85 -8.11
C ALA B 255 30.47 -20.93 -8.84
N TYR B 256 30.91 -19.70 -9.13
CA TYR B 256 30.15 -18.73 -9.91
C TYR B 256 28.76 -18.52 -9.31
N ALA B 257 27.70 -18.84 -10.04
CA ALA B 257 26.34 -18.56 -9.57
C ALA B 257 25.34 -19.22 -10.50
N PHE B 258 24.07 -19.13 -10.12
CA PHE B 258 22.95 -19.47 -10.98
C PHE B 258 22.91 -20.96 -11.33
N GLY B 259 23.63 -21.80 -10.59
CA GLY B 259 23.57 -23.23 -10.83
C GLY B 259 24.17 -23.68 -12.13
N LYS B 260 24.96 -22.82 -12.80
CA LYS B 260 25.59 -23.18 -14.07
C LYS B 260 26.67 -24.23 -13.85
N TYR B 261 27.41 -24.14 -12.76
CA TYR B 261 28.47 -25.09 -12.44
C TYR B 261 28.16 -25.80 -11.14
N LEU B 262 28.67 -27.02 -11.01
CA LEU B 262 28.73 -27.73 -9.73
C LEU B 262 30.16 -27.70 -9.26
N GLY B 263 30.41 -27.07 -8.11
CA GLY B 263 31.74 -27.10 -7.54
C GLY B 263 32.17 -28.53 -7.23
N TYR B 264 33.45 -28.81 -7.46
CA TYR B 264 33.97 -30.17 -7.36
C TYR B 264 35.42 -30.06 -6.90
N LEU B 265 35.68 -30.34 -5.63
CA LEU B 265 37.01 -30.19 -5.03
C LEU B 265 37.40 -31.47 -4.29
N ASN B 266 38.51 -32.09 -4.70
CA ASN B 266 39.04 -33.26 -4.01
C ASN B 266 40.16 -32.82 -3.06
N VAL B 267 39.95 -33.05 -1.76
CA VAL B 267 40.89 -32.65 -0.73
C VAL B 267 41.43 -33.90 -0.07
N ILE B 268 42.76 -34.02 0.01
CA ILE B 268 43.40 -35.12 0.72
C ILE B 268 44.04 -34.57 1.99
N PHE B 269 43.72 -35.19 3.12
CA PHE B 269 44.21 -34.82 4.44
C PHE B 269 45.20 -35.87 4.95
N ASP B 270 46.25 -35.44 5.66
CA ASP B 270 47.05 -36.43 6.35
C ASP B 270 46.34 -36.84 7.65
N ASP B 271 46.95 -37.75 8.40
CA ASP B 271 46.22 -38.28 9.54
C ASP B 271 46.11 -37.29 10.69
N LYS B 272 46.73 -36.12 10.58
CA LYS B 272 46.54 -35.08 11.58
C LYS B 272 45.54 -34.01 11.14
N GLY B 273 44.91 -34.18 9.98
CA GLY B 273 43.95 -33.19 9.54
C GLY B 273 44.54 -32.04 8.78
N LYS B 274 45.74 -32.20 8.23
CA LYS B 274 46.36 -31.18 7.40
C LYS B 274 46.12 -31.54 5.94
N VAL B 275 45.68 -30.56 5.16
CA VAL B 275 45.51 -30.74 3.72
C VAL B 275 46.88 -30.91 3.10
N ILE B 276 47.10 -32.07 2.46
CA ILE B 276 48.34 -32.29 1.72
C ILE B 276 48.16 -32.14 0.21
N LYS B 277 46.91 -32.21 -0.28
CA LYS B 277 46.60 -32.06 -1.70
C LYS B 277 45.18 -31.54 -1.86
N ALA B 278 44.98 -30.66 -2.84
CA ALA B 278 43.65 -30.12 -3.12
C ALA B 278 43.55 -29.78 -4.60
N SER B 279 42.63 -30.43 -5.31
CA SER B 279 42.58 -30.27 -6.76
C SER B 279 41.15 -30.50 -7.23
N GLY B 280 40.87 -30.03 -8.43
CA GLY B 280 39.60 -30.27 -9.09
C GLY B 280 39.24 -29.10 -9.98
N ASN B 281 37.94 -28.94 -10.24
CA ASN B 281 37.45 -27.86 -11.09
C ASN B 281 35.92 -27.87 -11.03
N PRO B 282 35.26 -26.71 -11.10
CA PRO B 282 33.79 -26.71 -11.17
C PRO B 282 33.32 -27.37 -12.45
N ILE B 283 32.29 -28.18 -12.33
CA ILE B 283 31.74 -28.94 -13.46
C ILE B 283 30.67 -28.13 -14.16
N LEU B 284 30.88 -27.85 -15.44
CA LEU B 284 29.89 -27.12 -16.23
C LEU B 284 28.67 -27.99 -16.46
N LEU B 285 27.51 -27.53 -16.02
CA LEU B 285 26.27 -28.30 -16.20
C LEU B 285 25.65 -27.91 -17.53
N ASN B 286 26.19 -28.49 -18.62
CA ASN B 286 25.71 -28.26 -19.98
C ASN B 286 25.01 -29.53 -20.51
N LYS B 287 24.67 -29.51 -21.81
CA LYS B 287 23.83 -30.55 -22.41
C LYS B 287 24.47 -31.95 -22.36
N SER B 288 25.78 -32.04 -22.18
CA SER B 288 26.42 -33.34 -22.04
C SER B 288 25.98 -34.07 -20.79
N ILE B 289 25.37 -33.38 -19.83
CA ILE B 289 24.87 -34.00 -18.62
C ILE B 289 23.35 -34.10 -18.70
N GLN B 290 22.83 -35.30 -18.56
CA GLN B 290 21.40 -35.54 -18.69
C GLN B 290 20.65 -34.90 -17.53
N GLU B 291 19.49 -34.32 -17.82
CA GLU B 291 18.58 -33.91 -16.77
C GLU B 291 17.97 -35.13 -16.10
N ASP B 292 18.13 -35.24 -14.78
CA ASP B 292 17.53 -36.33 -14.04
C ASP B 292 16.03 -36.40 -14.34
N PRO B 293 15.50 -37.56 -14.76
CA PRO B 293 14.09 -37.60 -15.15
C PRO B 293 13.12 -37.26 -14.05
N ALA B 294 13.35 -37.72 -12.82
CA ALA B 294 12.38 -37.46 -11.75
C ALA B 294 12.37 -35.99 -11.36
N VAL B 295 13.55 -35.36 -11.26
CA VAL B 295 13.56 -33.94 -10.94
C VAL B 295 12.93 -33.14 -12.08
N LYS B 296 13.26 -33.50 -13.32
CA LYS B 296 12.71 -32.79 -14.47
C LYS B 296 11.17 -32.87 -14.48
N ALA B 297 10.63 -34.04 -14.10
CA ALA B 297 9.18 -34.19 -14.06
C ALA B 297 8.56 -33.28 -13.01
N GLU B 298 9.18 -33.18 -11.83
CA GLU B 298 8.68 -32.28 -10.79
C GLU B 298 8.74 -30.82 -11.24
N ILE B 299 9.82 -30.43 -11.92
CA ILE B 299 9.93 -29.08 -12.47
C ILE B 299 8.81 -28.83 -13.48
N SER B 300 8.56 -29.81 -14.35
CA SER B 300 7.53 -29.63 -15.37
C SER B 300 6.14 -29.49 -14.74
N ARG B 301 5.88 -30.19 -13.63
CA ARG B 301 4.64 -29.95 -12.88
C ARG B 301 4.63 -28.55 -12.27
N MET B 302 5.75 -28.13 -11.67
CA MET B 302 5.76 -26.82 -11.03
C MET B 302 5.61 -25.70 -12.05
N LYS B 303 6.15 -25.88 -13.27
CA LYS B 303 5.97 -24.84 -14.28
C LYS B 303 4.50 -24.61 -14.54
N VAL B 304 3.69 -25.67 -14.50
CA VAL B 304 2.24 -25.51 -14.67
C VAL B 304 1.65 -24.72 -13.51
N GLN B 305 2.16 -24.92 -12.30
CA GLN B 305 1.59 -24.20 -11.17
C GLN B 305 1.96 -22.72 -11.23
N LEU B 306 3.10 -22.40 -11.86
CA LEU B 306 3.53 -21.01 -12.01
C LEU B 306 2.58 -20.23 -12.90
N GLN B 307 1.77 -20.90 -13.71
CA GLN B 307 0.84 -20.18 -14.57
C GLN B 307 -0.14 -19.35 -13.75
N ASN B 308 -0.52 -19.82 -12.56
CA ASN B 308 -1.37 -19.00 -11.68
C ASN B 308 -0.67 -17.70 -11.33
N TYR B 309 0.60 -17.78 -10.92
CA TYR B 309 1.34 -16.56 -10.58
C TYR B 309 1.40 -15.60 -11.75
N SER B 310 1.57 -16.11 -12.97
CA SER B 310 1.77 -15.24 -14.13
C SER B 310 0.51 -14.60 -14.67
N SER B 311 -0.67 -15.18 -14.44
CA SER B 311 -1.87 -14.55 -14.95
C SER B 311 -2.75 -13.97 -13.86
N GLN B 312 -2.27 -13.88 -12.64
CA GLN B 312 -3.08 -13.33 -11.57
C GLN B 312 -3.00 -11.81 -11.60
N GLU B 313 -4.12 -11.17 -11.31
CA GLU B 313 -4.14 -9.72 -11.20
C GLU B 313 -3.30 -9.30 -10.00
N ILE B 314 -2.32 -8.44 -10.25
CA ILE B 314 -1.51 -7.92 -9.17
C ILE B 314 -2.11 -6.64 -8.62
N GLY B 315 -2.67 -5.85 -9.51
CA GLY B 315 -3.21 -4.55 -9.17
C GLY B 315 -3.69 -3.91 -10.45
N ARG B 316 -4.09 -2.65 -10.34
CA ARG B 316 -4.60 -1.95 -11.50
C ARG B 316 -3.99 -0.58 -11.61
N THR B 317 -3.83 -0.12 -12.84
CA THR B 317 -3.51 1.26 -13.10
C THR B 317 -4.78 1.96 -13.60
N ILE B 318 -5.02 3.15 -13.07
CA ILE B 318 -6.11 3.99 -13.54
C ILE B 318 -5.61 5.12 -14.44
N VAL B 319 -4.31 5.11 -14.76
CA VAL B 319 -3.72 6.07 -15.67
C VAL B 319 -2.94 5.30 -16.73
N TYR B 320 -2.75 5.93 -17.87
CA TYR B 320 -1.81 5.40 -18.85
C TYR B 320 -0.42 5.42 -18.24
N LEU B 321 0.26 4.28 -18.26
CA LEU B 321 1.65 4.19 -17.80
C LEU B 321 2.53 4.35 -19.02
N ASN B 322 3.06 5.55 -19.22
CA ASN B 322 3.61 5.91 -20.53
C ASN B 322 5.05 5.40 -20.64
N GLY B 323 5.17 4.14 -21.04
CA GLY B 323 6.49 3.60 -21.25
C GLY B 323 6.89 3.56 -22.71
N THR B 324 6.32 4.46 -23.54
CA THR B 324 6.76 4.57 -24.92
C THR B 324 8.15 5.20 -24.99
N THR B 325 8.86 4.89 -26.08
CA THR B 325 10.19 5.47 -26.28
C THR B 325 10.12 6.99 -26.31
N HIS B 326 9.08 7.55 -26.95
CA HIS B 326 8.97 9.00 -27.07
C HIS B 326 8.85 9.68 -25.72
N ALA B 327 8.30 8.99 -24.71
CA ALA B 327 8.21 9.58 -23.39
C ALA B 327 9.46 9.32 -22.56
N CYS B 328 9.73 8.05 -22.26
CA CYS B 328 10.79 7.69 -21.32
C CYS B 328 12.18 8.09 -21.81
N ARG B 329 12.38 8.31 -23.11
CA ARG B 329 13.71 8.68 -23.59
C ARG B 329 13.85 10.18 -23.84
N PHE B 330 12.78 10.94 -23.70
CA PHE B 330 12.83 12.36 -23.98
C PHE B 330 12.47 13.24 -22.79
N HIS B 331 11.61 12.77 -21.90
CA HIS B 331 11.22 13.61 -20.77
C HIS B 331 10.78 12.71 -19.63
N GLU B 332 10.20 13.33 -18.60
CA GLU B 332 9.76 12.57 -17.44
C GLU B 332 8.66 11.60 -17.83
N CYS B 333 8.82 10.31 -17.54
CA CYS B 333 7.76 9.36 -17.82
C CYS B 333 7.20 8.80 -16.51
N ASN B 334 5.88 8.93 -16.35
CA ASN B 334 5.20 8.49 -15.12
C ASN B 334 5.44 7.00 -14.84
N LEU B 335 5.68 6.19 -15.87
CA LEU B 335 6.02 4.80 -15.60
C LEU B 335 7.40 4.69 -14.97
N GLY B 336 8.36 5.49 -15.44
CA GLY B 336 9.67 5.50 -14.81
C GLY B 336 9.61 5.96 -13.37
N ASN B 337 8.73 6.92 -13.07
CA ASN B 337 8.55 7.34 -11.70
C ASN B 337 8.05 6.20 -10.84
N LEU B 338 7.10 5.41 -11.36
CA LEU B 338 6.58 4.29 -10.57
C LEU B 338 7.66 3.25 -10.33
N ILE B 339 8.44 2.92 -11.36
CA ILE B 339 9.46 1.89 -11.20
C ILE B 339 10.45 2.29 -10.12
N CYS B 340 10.90 3.54 -10.13
CA CYS B 340 11.90 3.89 -9.13
C CYS B 340 11.29 4.13 -7.75
N ASP B 341 10.02 4.50 -7.66
CA ASP B 341 9.36 4.48 -6.36
C ASP B 341 9.27 3.06 -5.83
N ALA B 342 8.94 2.11 -6.70
CA ALA B 342 8.92 0.71 -6.31
C ALA B 342 10.30 0.25 -5.84
N VAL B 343 11.36 0.71 -6.50
CA VAL B 343 12.71 0.25 -6.16
C VAL B 343 13.12 0.78 -4.78
N VAL B 344 12.87 2.06 -4.54
CA VAL B 344 13.17 2.63 -3.23
C VAL B 344 12.37 1.92 -2.16
N TYR B 345 11.09 1.68 -2.43
CA TYR B 345 10.26 1.00 -1.43
C TYR B 345 10.80 -0.37 -1.07
N ASN B 346 11.29 -1.12 -2.05
CA ASN B 346 11.82 -2.46 -1.77
C ASN B 346 13.10 -2.42 -0.96
N ASN B 347 13.83 -1.30 -0.96
CA ASN B 347 15.10 -1.22 -0.25
C ASN B 347 14.98 -0.42 1.05
N LEU B 348 13.78 -0.30 1.59
CA LEU B 348 13.59 0.27 2.92
C LEU B 348 14.03 -0.77 3.94
N ARG B 349 15.14 -0.51 4.62
CA ARG B 349 15.74 -1.44 5.56
C ARG B 349 15.71 -0.83 6.94
N HIS B 350 15.98 -1.66 7.94
CA HIS B 350 15.95 -1.16 9.31
C HIS B 350 16.94 -0.02 9.47
N PRO B 351 16.46 1.19 9.77
CA PRO B 351 17.36 2.35 9.90
C PRO B 351 18.34 2.19 11.05
N ASP B 352 19.62 2.40 10.76
CA ASP B 352 20.64 2.39 11.81
C ASP B 352 20.88 3.82 12.28
N ASP B 353 20.03 4.24 13.22
CA ASP B 353 20.20 5.40 14.09
C ASP B 353 20.26 6.73 13.36
N ASN B 354 21.33 7.00 12.62
CA ASN B 354 21.52 8.33 12.07
C ASN B 354 20.82 8.56 10.73
N GLU B 355 20.01 7.62 10.27
CA GLU B 355 19.40 7.70 8.95
C GLU B 355 17.97 7.19 9.02
N TRP B 356 17.05 7.81 8.28
CA TRP B 356 15.73 7.22 8.20
C TRP B 356 15.76 5.99 7.30
N ASN B 357 16.69 5.94 6.36
CA ASN B 357 16.98 4.74 5.58
C ASN B 357 18.34 4.93 4.94
N HIS B 358 18.99 3.82 4.61
CA HIS B 358 20.36 3.91 4.08
C HIS B 358 20.40 4.39 2.62
N VAL B 359 19.29 4.31 1.89
CA VAL B 359 19.26 4.80 0.52
C VAL B 359 17.93 5.51 0.27
N SER B 360 17.97 6.59 -0.51
CA SER B 360 16.77 7.36 -0.81
C SER B 360 16.55 7.62 -2.29
N MET B 361 17.50 7.25 -3.15
CA MET B 361 17.48 7.60 -4.57
C MET B 361 17.48 6.35 -5.42
N CYS B 362 16.83 6.45 -6.57
CA CYS B 362 16.85 5.41 -7.60
C CYS B 362 16.96 6.08 -8.96
N ILE B 363 17.60 5.38 -9.90
CA ILE B 363 17.61 5.79 -11.30
C ILE B 363 17.31 4.58 -12.17
N VAL B 364 16.71 4.84 -13.33
CA VAL B 364 16.54 3.84 -14.37
C VAL B 364 16.55 4.58 -15.71
N ASN B 365 17.43 4.14 -16.62
CA ASN B 365 17.51 4.78 -17.93
C ASN B 365 16.25 4.49 -18.73
N GLY B 366 15.78 5.48 -19.49
CA GLY B 366 14.58 5.28 -20.30
C GLY B 366 14.67 4.06 -21.21
N GLY B 367 15.87 3.71 -21.66
CA GLY B 367 16.04 2.52 -22.49
C GLY B 367 15.73 1.22 -21.77
N GLY B 368 15.69 1.22 -20.44
CA GLY B 368 15.32 0.03 -19.69
C GLY B 368 13.82 -0.15 -19.53
N ILE B 369 13.02 0.81 -19.94
CA ILE B 369 11.57 0.72 -19.90
C ILE B 369 11.12 0.36 -21.31
N ARG B 370 10.67 -0.88 -21.51
CA ARG B 370 10.57 -1.43 -22.86
C ARG B 370 9.15 -1.41 -23.44
N SER B 371 8.17 -0.91 -22.70
CA SER B 371 6.78 -0.91 -23.17
C SER B 371 5.90 -0.06 -22.26
N PRO B 372 4.84 0.56 -22.80
CA PRO B 372 3.83 1.16 -21.93
C PRO B 372 2.89 0.09 -21.40
N ILE B 373 1.99 0.51 -20.51
CA ILE B 373 0.87 -0.33 -20.09
C ILE B 373 -0.38 0.52 -20.24
N ASP B 374 -1.30 0.07 -21.10
CA ASP B 374 -2.49 0.84 -21.46
C ASP B 374 -3.58 0.55 -20.44
N GLU B 375 -4.04 1.60 -19.75
CA GLU B 375 -5.12 1.46 -18.78
C GLU B 375 -6.47 1.23 -19.44
N GLN B 376 -6.59 1.49 -20.74
CA GLN B 376 -7.83 1.26 -21.47
C GLN B 376 -7.93 -0.16 -22.05
N ALA B 377 -6.87 -0.95 -21.98
CA ALA B 377 -6.88 -2.26 -22.65
C ALA B 377 -7.83 -3.22 -21.95
N ASN B 378 -7.56 -3.51 -20.67
CA ASN B 378 -8.37 -4.46 -19.94
C ASN B 378 -8.62 -3.95 -18.52
N ASN B 379 -9.30 -2.80 -18.43
CA ASN B 379 -9.61 -2.14 -17.15
C ASN B 379 -8.35 -1.85 -16.33
N GLY B 380 -7.24 -1.62 -17.00
CA GLY B 380 -5.99 -1.32 -16.32
C GLY B 380 -5.43 -2.47 -15.50
N ILE B 381 -5.87 -3.70 -15.75
CA ILE B 381 -5.44 -4.84 -14.95
C ILE B 381 -3.99 -5.16 -15.27
N ILE B 382 -3.17 -5.28 -14.24
CA ILE B 382 -1.76 -5.60 -14.40
C ILE B 382 -1.49 -7.01 -13.91
N THR B 383 -0.90 -7.83 -14.77
CA THR B 383 -0.35 -9.14 -14.45
C THR B 383 1.14 -9.14 -14.77
N LEU B 384 1.79 -10.28 -14.50
CA LEU B 384 3.21 -10.40 -14.81
C LEU B 384 3.48 -10.32 -16.31
N GLU B 385 2.49 -10.66 -17.14
CA GLU B 385 2.70 -10.55 -18.59
C GLU B 385 2.85 -9.09 -19.03
N GLU B 386 2.01 -8.19 -18.50
CA GLU B 386 2.20 -6.77 -18.77
C GLU B 386 3.51 -6.25 -18.18
N LEU B 387 3.87 -6.70 -16.98
CA LEU B 387 5.10 -6.24 -16.36
C LEU B 387 6.34 -6.77 -17.09
N THR B 388 6.26 -8.00 -17.61
CA THR B 388 7.35 -8.55 -18.41
C THR B 388 7.54 -7.76 -19.71
N ALA B 389 6.47 -7.21 -20.28
CA ALA B 389 6.63 -6.39 -21.48
C ALA B 389 7.43 -5.13 -21.16
N VAL B 390 7.24 -4.56 -19.97
CA VAL B 390 7.99 -3.38 -19.55
C VAL B 390 9.43 -3.75 -19.23
N LEU B 391 9.60 -4.84 -18.47
CA LEU B 391 10.89 -5.28 -17.94
C LEU B 391 11.12 -6.72 -18.40
N PRO B 392 11.62 -6.94 -19.61
CA PRO B 392 11.70 -8.29 -20.15
C PRO B 392 12.97 -9.06 -19.87
N PHE B 393 14.01 -8.42 -19.30
CA PHE B 393 15.33 -9.01 -19.35
C PHE B 393 15.75 -9.73 -18.07
N GLY B 394 14.90 -9.80 -17.06
CA GLY B 394 15.25 -10.55 -15.86
C GLY B 394 16.40 -9.97 -15.05
N GLY B 395 16.65 -8.66 -15.19
CA GLY B 395 17.70 -8.01 -14.45
C GLY B 395 17.28 -7.65 -13.04
N THR B 396 18.21 -7.04 -12.32
CA THR B 396 17.98 -6.66 -10.94
C THR B 396 18.13 -5.15 -10.79
N PHE B 397 17.76 -4.66 -9.62
CA PHE B 397 18.12 -3.32 -9.20
C PHE B 397 19.12 -3.45 -8.07
N ASP B 398 20.27 -2.78 -8.24
CA ASP B 398 21.42 -2.94 -7.39
C ASP B 398 21.69 -1.66 -6.61
N LEU B 399 22.54 -1.79 -5.60
CA LEU B 399 22.92 -0.71 -4.70
C LEU B 399 24.34 -0.30 -5.06
N LEU B 400 24.53 0.99 -5.35
CA LEU B 400 25.82 1.50 -5.78
C LEU B 400 26.25 2.63 -4.86
N GLN B 401 27.48 2.54 -4.35
CA GLN B 401 28.10 3.62 -3.59
C GLN B 401 28.85 4.52 -4.56
N ILE B 402 28.58 5.81 -4.51
CA ILE B 402 28.98 6.72 -5.58
C ILE B 402 29.19 8.12 -5.00
N LYS B 403 30.28 8.76 -5.41
CA LYS B 403 30.53 10.14 -5.01
C LYS B 403 29.58 11.08 -5.74
N GLY B 404 29.30 12.21 -5.10
CA GLY B 404 28.39 13.17 -5.70
C GLY B 404 28.82 13.63 -7.07
N SER B 405 30.13 13.90 -7.23
CA SER B 405 30.66 14.30 -8.53
C SER B 405 30.37 13.24 -9.59
N THR B 406 30.54 11.97 -9.24
CA THR B 406 30.26 10.90 -10.19
C THR B 406 28.78 10.88 -10.56
N LEU B 407 27.91 11.03 -9.55
CA LEU B 407 26.48 11.06 -9.82
C LEU B 407 26.14 12.18 -10.79
N ARG B 408 26.70 13.37 -10.57
CA ARG B 408 26.44 14.49 -11.46
C ARG B 408 26.95 14.21 -12.87
N GLN B 409 28.07 13.47 -12.98
CA GLN B 409 28.56 13.06 -14.29
C GLN B 409 27.58 12.12 -15.00
N ALA B 410 26.90 11.27 -14.23
CA ALA B 410 25.88 10.40 -14.83
C ALA B 410 24.73 11.22 -15.40
N PHE B 411 24.33 12.29 -14.71
CA PHE B 411 23.21 13.10 -15.21
C PHE B 411 23.63 13.96 -16.40
N GLU B 412 24.91 14.32 -16.50
CA GLU B 412 25.40 14.90 -17.74
C GLU B 412 25.29 13.90 -18.87
N HIS B 413 25.70 12.66 -18.62
CA HIS B 413 25.56 11.63 -19.63
C HIS B 413 24.10 11.37 -19.98
N SER B 414 23.19 11.63 -19.04
CA SER B 414 21.78 11.33 -19.28
C SER B 414 21.18 12.21 -20.37
N VAL B 415 21.74 13.38 -20.64
CA VAL B 415 21.17 14.26 -21.66
C VAL B 415 22.24 14.68 -22.66
N HIS B 416 23.41 14.03 -22.61
CA HIS B 416 24.49 14.43 -23.50
C HIS B 416 24.16 14.13 -24.96
N ARG B 417 23.27 13.17 -25.24
CA ARG B 417 22.74 12.96 -26.58
C ARG B 417 21.23 13.15 -26.63
N HIS B 418 20.66 13.93 -25.70
CA HIS B 418 19.21 14.11 -25.65
C HIS B 418 18.69 14.59 -27.00
N GLY B 419 17.59 13.99 -27.43
CA GLY B 419 16.98 14.29 -28.70
C GLY B 419 17.28 13.28 -29.78
N GLN B 420 18.23 12.37 -29.54
CA GLN B 420 18.59 11.38 -30.54
C GLN B 420 17.78 10.09 -30.41
N GLY B 421 17.04 9.94 -29.31
CA GLY B 421 16.16 8.80 -29.14
C GLY B 421 16.82 7.55 -28.61
N THR B 422 18.08 7.62 -28.18
CA THR B 422 18.66 6.47 -27.50
C THR B 422 18.21 6.46 -26.03
N GLY B 423 18.64 5.45 -25.29
CA GLY B 423 17.99 5.14 -24.03
C GLY B 423 18.61 5.69 -22.75
N GLU B 424 19.36 6.79 -22.85
CA GLU B 424 20.17 7.23 -21.72
C GLU B 424 19.36 7.92 -20.64
N LEU B 425 18.34 8.70 -21.02
CA LEU B 425 17.66 9.60 -20.10
C LEU B 425 17.27 8.88 -18.81
N LEU B 426 17.68 9.45 -17.69
CA LEU B 426 17.48 8.83 -16.39
C LEU B 426 16.12 9.24 -15.85
N GLN B 427 15.25 8.26 -15.60
CA GLN B 427 14.09 8.44 -14.75
C GLN B 427 14.51 8.16 -13.31
N VAL B 428 13.91 8.87 -12.38
CA VAL B 428 14.44 8.96 -11.02
C VAL B 428 13.36 8.88 -9.95
N SER B 429 13.80 8.56 -8.74
CA SER B 429 13.02 8.84 -7.55
C SER B 429 13.98 9.33 -6.47
N GLY B 430 13.51 10.28 -5.66
CA GLY B 430 14.35 10.90 -4.67
C GLY B 430 15.38 11.86 -5.20
N ILE B 431 15.26 12.28 -6.46
CA ILE B 431 16.17 13.21 -7.09
C ILE B 431 15.33 14.27 -7.81
N LYS B 432 15.77 15.52 -7.74
CA LYS B 432 15.24 16.58 -8.60
C LYS B 432 16.39 17.12 -9.45
N VAL B 433 16.27 16.97 -10.77
CA VAL B 433 17.28 17.45 -11.68
C VAL B 433 16.66 18.54 -12.56
N VAL B 434 17.44 19.59 -12.80
CA VAL B 434 17.09 20.66 -13.72
C VAL B 434 18.13 20.64 -14.83
N TYR B 435 17.67 20.60 -16.07
CA TYR B 435 18.55 20.56 -17.22
C TYR B 435 18.50 21.87 -17.99
N ASP B 436 19.57 22.13 -18.74
CA ASP B 436 19.59 23.19 -19.75
C ASP B 436 20.16 22.58 -21.02
N LEU B 437 19.29 22.16 -21.94
CA LEU B 437 19.73 21.48 -23.15
C LEU B 437 20.42 22.43 -24.14
N SER B 438 20.23 23.74 -24.00
CA SER B 438 20.93 24.72 -24.83
C SER B 438 22.44 24.62 -24.69
N GLN B 439 22.93 24.10 -23.57
CA GLN B 439 24.36 24.07 -23.29
C GLN B 439 25.05 22.97 -24.09
N LYS B 440 26.37 23.03 -24.08
CA LYS B 440 27.17 21.99 -24.71
C LYS B 440 27.06 20.69 -23.92
N PRO B 441 27.10 19.54 -24.60
CA PRO B 441 27.11 18.27 -23.89
C PRO B 441 28.17 18.28 -22.80
N GLY B 442 27.82 17.74 -21.63
CA GLY B 442 28.71 17.76 -20.49
C GLY B 442 28.53 18.94 -19.56
N LYS B 443 27.77 19.96 -19.96
CA LYS B 443 27.51 21.10 -19.10
C LYS B 443 26.02 21.45 -19.10
N ARG B 444 25.16 20.44 -19.17
CA ARG B 444 23.74 20.73 -19.29
C ARG B 444 22.97 20.56 -17.98
N VAL B 445 23.62 20.09 -16.93
CA VAL B 445 22.97 19.96 -15.62
C VAL B 445 23.00 21.32 -14.94
N VAL B 446 21.82 21.88 -14.71
CA VAL B 446 21.73 23.15 -13.98
C VAL B 446 21.84 22.91 -12.48
N SER B 447 21.11 21.92 -11.97
CA SER B 447 21.13 21.64 -10.54
C SER B 447 20.68 20.22 -10.29
N LEU B 448 21.18 19.64 -9.20
CA LEU B 448 20.76 18.34 -8.71
C LEU B 448 20.50 18.45 -7.22
N ASN B 449 19.30 18.09 -6.80
CA ASN B 449 18.97 18.01 -5.39
C ASN B 449 18.51 16.59 -5.10
N VAL B 450 18.87 16.09 -3.93
CA VAL B 450 18.60 14.71 -3.56
C VAL B 450 17.93 14.68 -2.19
N LEU B 451 17.16 13.63 -1.95
CA LEU B 451 16.58 13.41 -0.63
C LEU B 451 17.69 13.02 0.35
N CYS B 452 17.82 13.80 1.43
CA CYS B 452 18.74 13.45 2.50
C CYS B 452 18.39 12.08 3.08
N THR B 453 19.40 11.36 3.51
CA THR B 453 19.18 10.19 4.35
C THR B 453 19.46 10.48 5.81
N GLU B 454 20.42 11.36 6.08
CA GLU B 454 20.82 11.70 7.44
C GLU B 454 19.90 12.78 8.01
N CYS B 455 18.63 12.39 8.21
CA CYS B 455 17.57 13.32 8.60
C CYS B 455 16.43 12.50 9.17
N ARG B 456 15.67 13.12 10.06
CA ARG B 456 14.43 12.52 10.51
C ARG B 456 13.28 12.73 9.53
N VAL B 457 13.30 13.83 8.77
CA VAL B 457 12.28 14.10 7.77
C VAL B 457 12.96 14.23 6.41
N PRO B 458 12.70 13.30 5.48
CA PRO B 458 13.33 13.38 4.15
C PRO B 458 13.01 14.70 3.49
N THR B 459 14.05 15.35 2.97
CA THR B 459 13.90 16.65 2.35
C THR B 459 15.02 16.80 1.33
N TYR B 460 14.81 17.69 0.35
CA TYR B 460 15.74 17.81 -0.77
C TYR B 460 16.87 18.78 -0.43
N VAL B 461 18.08 18.33 -0.62
CA VAL B 461 19.27 19.11 -0.31
C VAL B 461 20.18 19.05 -1.53
N PRO B 462 21.03 20.07 -1.73
CA PRO B 462 21.94 20.05 -2.87
C PRO B 462 22.88 18.86 -2.80
N LEU B 463 23.16 18.28 -3.96
CA LEU B 463 24.18 17.26 -4.07
C LEU B 463 25.54 17.85 -3.73
N GLU B 464 26.32 17.12 -2.94
CA GLU B 464 27.67 17.54 -2.56
C GLU B 464 28.70 16.74 -3.34
N MET B 465 29.65 17.43 -3.96
CA MET B 465 30.54 16.79 -4.92
C MET B 465 31.44 15.75 -4.26
N GLU B 466 31.89 16.00 -3.04
CA GLU B 466 32.84 15.12 -2.38
C GLU B 466 32.19 14.11 -1.45
N LYS B 467 30.88 14.19 -1.27
CA LYS B 467 30.17 13.27 -0.39
C LYS B 467 29.91 11.94 -1.10
N THR B 468 29.87 10.86 -0.32
CA THR B 468 29.55 9.54 -0.85
C THR B 468 28.06 9.27 -0.68
N TYR B 469 27.41 8.84 -1.75
CA TYR B 469 25.99 8.59 -1.72
C TYR B 469 25.71 7.12 -2.04
N LYS B 470 24.53 6.67 -1.64
CA LYS B 470 23.99 5.42 -2.12
C LYS B 470 22.92 5.71 -3.15
N VAL B 471 22.90 4.93 -4.24
CA VAL B 471 21.91 5.06 -5.30
C VAL B 471 21.52 3.66 -5.78
N LEU B 472 20.22 3.47 -6.00
CA LEU B 472 19.69 2.25 -6.60
C LEU B 472 19.63 2.44 -8.12
N LEU B 473 19.97 1.39 -8.87
CA LEU B 473 20.09 1.50 -10.32
C LEU B 473 19.98 0.11 -10.94
N PRO B 474 19.61 0.02 -12.22
CA PRO B 474 19.49 -1.30 -12.85
C PRO B 474 20.85 -1.96 -13.04
N SER B 475 20.86 -3.29 -12.92
CA SER B 475 22.07 -4.06 -13.17
C SER B 475 22.70 -3.69 -14.51
N PHE B 476 21.88 -3.38 -15.51
CA PHE B 476 22.40 -2.95 -16.81
C PHE B 476 23.30 -1.73 -16.68
N LEU B 477 22.90 -0.72 -15.89
CA LEU B 477 23.74 0.47 -15.74
C LEU B 477 24.95 0.17 -14.87
N ALA B 478 24.81 -0.69 -13.86
CA ALA B 478 25.92 -1.05 -13.00
C ALA B 478 27.00 -1.86 -13.74
N ALA B 479 26.66 -2.42 -14.89
CA ALA B 479 27.67 -3.04 -15.74
C ALA B 479 28.19 -2.09 -16.80
N GLY B 480 27.77 -0.83 -16.75
CA GLY B 480 28.20 0.16 -17.70
C GLY B 480 27.32 0.30 -18.92
N GLY B 481 26.09 -0.20 -18.87
CA GLY B 481 25.24 -0.14 -20.05
C GLY B 481 25.00 1.29 -20.50
N ASP B 482 24.74 1.42 -21.80
CA ASP B 482 24.40 2.70 -22.44
C ASP B 482 25.47 3.78 -22.20
N GLY B 483 26.73 3.38 -22.12
CA GLY B 483 27.81 4.35 -21.97
C GLY B 483 28.00 4.91 -20.58
N TYR B 484 27.34 4.34 -19.56
CA TYR B 484 27.44 4.84 -18.19
C TYR B 484 28.63 4.20 -17.47
N TYR B 485 29.82 4.39 -18.06
CA TYR B 485 31.02 3.76 -17.50
C TYR B 485 31.25 4.20 -16.06
N MET B 486 30.80 5.39 -15.69
CA MET B 486 31.04 5.87 -14.34
C MET B 486 30.09 5.24 -13.33
N LEU B 487 29.04 4.56 -13.78
CA LEU B 487 28.17 3.80 -12.89
C LEU B 487 28.58 2.34 -12.75
N LYS B 488 29.67 1.95 -13.38
CA LYS B 488 30.13 0.55 -13.30
C LYS B 488 30.50 0.21 -11.86
N GLY B 489 29.97 -0.90 -11.33
CA GLY B 489 30.24 -1.31 -9.97
C GLY B 489 31.23 -2.46 -9.88
N ASP B 490 31.90 -2.55 -8.74
CA ASP B 490 32.76 -3.69 -8.41
C ASP B 490 32.42 -4.17 -7.01
N SER B 491 33.16 -5.18 -6.55
CA SER B 491 32.89 -5.76 -5.25
C SER B 491 33.03 -4.75 -4.11
N SER B 492 33.82 -3.69 -4.31
CA SER B 492 34.03 -2.71 -3.25
C SER B 492 32.87 -1.73 -3.09
N ASN B 493 32.05 -1.53 -4.13
CA ASN B 493 31.04 -0.47 -4.06
C ASN B 493 29.68 -0.87 -4.62
N HIS B 494 29.44 -2.15 -4.91
CA HIS B 494 28.26 -2.58 -5.66
C HIS B 494 27.72 -3.88 -5.08
N SER B 495 26.41 -3.95 -4.94
CA SER B 495 25.73 -5.13 -4.43
C SER B 495 24.58 -5.50 -5.34
N SER B 496 24.49 -6.78 -5.69
CA SER B 496 23.40 -7.27 -6.53
C SER B 496 22.10 -7.33 -5.75
N GLY B 497 21.03 -6.74 -6.31
CA GLY B 497 19.76 -6.69 -5.61
C GLY B 497 18.69 -7.63 -6.11
N ASP B 498 17.42 -7.22 -6.01
CA ASP B 498 16.32 -8.13 -6.29
C ASP B 498 15.86 -8.00 -7.74
N LEU B 499 15.16 -9.03 -8.22
CA LEU B 499 14.64 -9.05 -9.57
C LEU B 499 13.73 -7.87 -9.85
N ASP B 500 13.88 -7.27 -11.04
CA ASP B 500 13.17 -6.03 -11.33
C ASP B 500 11.65 -6.23 -11.37
N ILE B 501 11.16 -7.27 -12.05
CA ILE B 501 9.71 -7.42 -12.14
C ILE B 501 9.13 -7.77 -10.79
N SER B 502 9.92 -8.43 -9.93
CA SER B 502 9.45 -8.74 -8.59
C SER B 502 9.31 -7.47 -7.75
N ILE B 503 10.27 -6.56 -7.87
CA ILE B 503 10.19 -5.27 -7.15
C ILE B 503 8.95 -4.49 -7.56
N VAL B 504 8.74 -4.34 -8.87
CA VAL B 504 7.61 -3.55 -9.36
C VAL B 504 6.29 -4.25 -9.04
N GLY B 505 6.24 -5.58 -9.23
CA GLY B 505 5.01 -6.29 -8.96
C GLY B 505 4.59 -6.18 -7.50
N ASN B 506 5.54 -6.31 -6.57
CA ASN B 506 5.21 -6.19 -5.16
C ASN B 506 4.65 -4.80 -4.85
N TYR B 507 5.26 -3.76 -5.42
CA TYR B 507 4.77 -2.40 -5.20
C TYR B 507 3.37 -2.22 -5.73
N ILE B 508 3.11 -2.69 -6.95
CA ILE B 508 1.78 -2.54 -7.53
C ILE B 508 0.76 -3.28 -6.67
N LYS B 509 1.13 -4.46 -6.16
CA LYS B 509 0.22 -5.20 -5.29
C LYS B 509 -0.06 -4.43 -4.01
N ARG B 510 0.95 -3.76 -3.44
CA ARG B 510 0.72 -3.00 -2.22
C ARG B 510 -0.21 -1.83 -2.49
N MET B 511 0.06 -1.06 -3.54
CA MET B 511 -0.75 0.11 -3.84
C MET B 511 -2.19 -0.27 -4.22
N GLY B 512 -2.38 -1.39 -4.90
CA GLY B 512 -3.71 -1.77 -5.36
C GLY B 512 -4.13 -1.03 -6.61
N LYS B 513 -4.23 0.30 -6.52
CA LYS B 513 -4.41 1.16 -7.68
C LYS B 513 -3.20 2.07 -7.77
N VAL B 514 -2.65 2.22 -8.98
CA VAL B 514 -1.56 3.16 -9.18
C VAL B 514 -2.03 4.25 -10.12
N PHE B 515 -1.47 5.43 -9.91
CA PHE B 515 -1.80 6.62 -10.67
C PHE B 515 -0.61 7.55 -10.65
N PRO B 516 0.59 7.09 -11.03
CA PRO B 516 1.76 7.98 -10.97
C PRO B 516 1.62 9.15 -11.94
N ALA B 517 2.06 10.31 -11.50
CA ALA B 517 2.01 11.52 -12.29
C ALA B 517 3.40 11.86 -12.84
N MET B 518 3.41 12.72 -13.85
CA MET B 518 4.59 13.52 -14.18
C MET B 518 4.59 14.71 -13.23
N GLU B 519 5.58 14.77 -12.33
CA GLU B 519 5.52 15.70 -11.22
C GLU B 519 6.69 16.66 -11.15
N GLY B 520 7.52 16.74 -12.19
CA GLY B 520 8.65 17.65 -12.16
C GLY B 520 9.90 17.07 -11.53
N ARG B 521 10.03 15.74 -11.49
CA ARG B 521 11.27 15.14 -10.98
C ARG B 521 12.46 15.55 -11.85
N MET B 522 12.25 15.76 -13.14
CA MET B 522 13.22 16.39 -14.01
C MET B 522 12.56 17.59 -14.67
N VAL B 523 13.30 18.68 -14.76
CA VAL B 523 12.81 19.95 -15.29
C VAL B 523 13.75 20.42 -16.39
N PHE B 524 13.19 20.82 -17.52
CA PHE B 524 13.92 21.36 -18.65
C PHE B 524 13.79 22.88 -18.69
N SER B 525 14.93 23.57 -18.77
CA SER B 525 14.95 25.03 -18.63
C SER B 525 14.06 25.71 -19.68
N ALA B 526 13.88 25.10 -20.85
CA ALA B 526 12.93 25.62 -21.82
C ALA B 526 11.50 25.63 -21.26
#